data_1MQR
#
_entry.id   1MQR
#
_cell.length_a   73.537
_cell.length_b   73.537
_cell.length_c   328.894
_cell.angle_alpha   90.00
_cell.angle_beta   90.00
_cell.angle_gamma   90.00
#
_symmetry.space_group_name_H-M   'P 41 21 2'
#
loop_
_entity.id
_entity.type
_entity.pdbx_description
1 polymer ALPHA-D-GLUCURONIDASE
2 non-polymer GLYCEROL
3 water water
#
_entity_poly.entity_id   1
_entity_poly.type   'polypeptide(L)'
_entity_poly.pdbx_seq_one_letter_code
;MTAGYEPCWLRYERKDQYSRLRFEEIVAKRTSPIFQAVVEELQKGLRSMMEIEPQVVQEVNETANSIWLGTLEDEEFERP
LEGTLVHPEGYVIRSDVDDGPFRIYIIGKTDAGVLYGVFHFLRLLQMGENIAQLSIIEQPKNRLRMINHWDNMDGSIERG
YAGRSIFFVDDQFVKQNQRIKDYARLLASVGINAISINNVNVHKTETKLITDHFLPDVAEVADIFRTYGIKTFLSINYAS
PIEIGGLPTADPLDPEVRRWWKETAKRIYQYIPDFGGFVVKADSEFRPGPFTYGRDHAEGANMLAEALAPFGGLVIWRCF
VYNCQQDWRDRTTDRAKAAYDHFKPLDGQFRENVILQIKNGPMDFQVREPVSPLFGAMPKTNQMMQVQITQEYTGQQKHL
CFLIPQWKEVLDFDTYAKGKGSEVKKVIDGSLFDYRYSGIAGVSNIGSDPNWTGHTLAQANLYGFGRLAWNPDLSAEEIA
NEWVVQTFGDDSQVVETISWMLLSSWRIYENYTSPLGVGWMVNPGHHYGPNVDGYEYSHWGTYHYADRDGIGVDRTVATG
TGYTAQYFPENAAMYESLDTCPDELLLFFHHVPYTHRLHSGETVIQHIYNTHFEGVEQAKQLRKRWEQLKGKIDEKRYHD
VLERLTIQVEHAKEWRDVINTYFYRKSGIDDQYGRKIYR
;
_entity_poly.pdbx_strand_id   A
#
loop_
_chem_comp.id
_chem_comp.type
_chem_comp.name
_chem_comp.formula
GOL non-polymer GLYCEROL 'C3 H8 O3'
#
# COMPACT_ATOMS: atom_id res chain seq x y z
N ALA A 3 -5.58 -16.51 -19.05
CA ALA A 3 -6.88 -16.89 -19.65
C ALA A 3 -8.03 -16.64 -18.67
N GLY A 4 -7.84 -17.09 -17.44
CA GLY A 4 -8.87 -16.91 -16.43
C GLY A 4 -8.80 -15.56 -15.74
N TYR A 5 -7.81 -14.75 -16.08
CA TYR A 5 -7.69 -13.42 -15.46
C TYR A 5 -7.00 -12.41 -16.36
N GLU A 6 -7.22 -11.13 -16.06
CA GLU A 6 -6.65 -10.04 -16.83
C GLU A 6 -5.16 -9.84 -16.61
N PRO A 7 -4.46 -9.31 -17.61
CA PRO A 7 -3.01 -9.07 -17.51
C PRO A 7 -2.76 -7.74 -16.83
N CYS A 8 -3.83 -7.05 -16.47
CA CYS A 8 -3.75 -5.75 -15.82
C CYS A 8 -2.95 -4.77 -16.67
N TRP A 9 -1.93 -4.13 -16.10
CA TRP A 9 -1.14 -3.15 -16.85
C TRP A 9 0.00 -3.72 -17.70
N LEU A 10 0.21 -5.03 -17.63
CA LEU A 10 1.26 -5.66 -18.43
C LEU A 10 0.60 -6.28 -19.66
N ARG A 11 -0.13 -5.46 -20.41
CA ARG A 11 -0.83 -5.92 -21.60
C ARG A 11 0.09 -6.21 -22.78
N TYR A 12 1.12 -5.40 -22.96
CA TYR A 12 2.06 -5.56 -24.06
C TYR A 12 1.28 -5.66 -25.37
N GLU A 13 0.33 -4.75 -25.56
N GLU A 13 0.33 -4.75 -25.56
CA GLU A 13 -0.50 -4.74 -26.76
CA GLU A 13 -0.51 -4.72 -26.76
C GLU A 13 0.33 -4.56 -28.02
C GLU A 13 0.31 -4.53 -28.03
N ARG A 14 -0.04 -5.27 -29.08
CA ARG A 14 0.66 -5.20 -30.35
C ARG A 14 0.66 -3.80 -30.93
N LYS A 15 1.85 -3.30 -31.25
CA LYS A 15 2.01 -1.97 -31.81
C LYS A 15 1.70 -1.97 -33.30
N ASP A 16 1.39 -0.79 -33.86
CA ASP A 16 1.12 -0.73 -35.29
C ASP A 16 2.48 -0.85 -36.00
N GLN A 17 2.44 -0.87 -37.33
CA GLN A 17 3.65 -1.02 -38.13
C GLN A 17 4.65 0.13 -38.06
N TYR A 18 4.24 1.25 -37.48
CA TYR A 18 5.10 2.42 -37.39
C TYR A 18 5.70 2.65 -36.02
N SER A 19 5.45 1.74 -35.08
CA SER A 19 5.94 1.90 -33.73
C SER A 19 6.71 0.67 -33.27
N ARG A 20 7.52 0.11 -34.15
CA ARG A 20 8.27 -1.07 -33.78
C ARG A 20 9.77 -0.85 -33.69
N LEU A 21 10.43 -1.79 -33.05
CA LEU A 21 11.86 -1.73 -32.84
C LEU A 21 12.55 -2.90 -33.53
N ARG A 22 13.79 -2.69 -33.95
CA ARG A 22 14.55 -3.73 -34.62
C ARG A 22 15.65 -4.24 -33.69
N PHE A 23 15.48 -5.46 -33.18
CA PHE A 23 16.44 -6.10 -32.30
C PHE A 23 16.62 -7.54 -32.75
N GLU A 24 17.86 -8.01 -32.87
CA GLU A 24 18.08 -9.39 -33.28
C GLU A 24 18.53 -10.26 -32.12
N GLU A 25 19.08 -9.65 -31.08
CA GLU A 25 19.57 -10.43 -29.96
C GLU A 25 19.40 -9.80 -28.59
N ILE A 26 19.30 -10.67 -27.59
CA ILE A 26 19.20 -10.27 -26.20
C ILE A 26 20.44 -10.86 -25.54
N VAL A 27 21.32 -10.00 -25.04
CA VAL A 27 22.54 -10.46 -24.40
C VAL A 27 22.36 -10.59 -22.90
N ALA A 28 22.20 -11.84 -22.45
CA ALA A 28 22.02 -12.12 -21.03
C ALA A 28 23.37 -12.55 -20.46
N LYS A 29 24.02 -11.64 -19.74
CA LYS A 29 25.33 -11.93 -19.17
C LYS A 29 25.35 -12.90 -17.99
N ARG A 30 24.17 -13.23 -17.46
N ARG A 30 24.18 -13.24 -17.46
CA ARG A 30 24.09 -14.15 -16.33
CA ARG A 30 24.10 -14.16 -16.34
C ARG A 30 22.96 -15.17 -16.53
C ARG A 30 22.97 -15.18 -16.54
N THR A 31 23.00 -16.25 -15.74
CA THR A 31 21.99 -17.31 -15.85
C THR A 31 21.24 -17.63 -14.55
N SER A 32 21.27 -16.71 -13.59
CA SER A 32 20.58 -16.92 -12.32
C SER A 32 19.07 -17.02 -12.51
N PRO A 33 18.34 -17.56 -11.52
CA PRO A 33 16.88 -17.68 -11.65
C PRO A 33 16.21 -16.34 -11.95
N ILE A 34 16.71 -15.26 -11.36
CA ILE A 34 16.16 -13.95 -11.61
C ILE A 34 16.37 -13.56 -13.07
N PHE A 35 17.57 -13.84 -13.59
CA PHE A 35 17.87 -13.50 -14.98
C PHE A 35 16.99 -14.26 -15.97
N GLN A 36 16.68 -15.51 -15.65
N GLN A 36 16.68 -15.51 -15.64
CA GLN A 36 15.83 -16.30 -16.54
CA GLN A 36 15.83 -16.33 -16.51
C GLN A 36 14.44 -15.69 -16.60
C GLN A 36 14.43 -15.74 -16.57
N ALA A 37 13.96 -15.22 -15.44
CA ALA A 37 12.64 -14.61 -15.36
C ALA A 37 12.67 -13.29 -16.13
N VAL A 38 13.78 -12.56 -15.97
CA VAL A 38 13.96 -11.27 -16.63
C VAL A 38 13.95 -11.45 -18.14
N VAL A 39 14.71 -12.43 -18.64
CA VAL A 39 14.78 -12.69 -20.07
C VAL A 39 13.42 -13.11 -20.60
N GLU A 40 12.74 -13.98 -19.87
CA GLU A 40 11.42 -14.45 -20.28
C GLU A 40 10.46 -13.28 -20.42
N GLU A 41 10.53 -12.33 -19.48
CA GLU A 41 9.66 -11.16 -19.51
C GLU A 41 9.94 -10.29 -20.73
N LEU A 42 11.23 -10.09 -21.01
CA LEU A 42 11.63 -9.29 -22.16
C LEU A 42 11.17 -9.98 -23.45
N GLN A 43 11.34 -11.29 -23.52
CA GLN A 43 10.91 -12.03 -24.71
C GLN A 43 9.40 -11.91 -24.88
N LYS A 44 8.66 -12.05 -23.79
CA LYS A 44 7.22 -11.97 -23.85
C LYS A 44 6.77 -10.57 -24.31
N GLY A 45 7.34 -9.54 -23.71
CA GLY A 45 6.97 -8.19 -24.07
C GLY A 45 7.30 -7.83 -25.51
N LEU A 46 8.51 -8.15 -25.95
CA LEU A 46 8.91 -7.85 -27.32
C LEU A 46 8.12 -8.64 -28.35
N ARG A 47 7.77 -9.87 -28.01
CA ARG A 47 7.00 -10.72 -28.91
C ARG A 47 5.58 -10.19 -29.06
N SER A 48 4.95 -9.88 -27.93
CA SER A 48 3.58 -9.38 -27.93
C SER A 48 3.47 -7.98 -28.53
N MET A 49 4.37 -7.09 -28.12
CA MET A 49 4.33 -5.72 -28.63
C MET A 49 4.94 -5.51 -30.01
N MET A 50 6.15 -6.04 -30.20
CA MET A 50 6.88 -5.85 -31.46
C MET A 50 6.84 -6.98 -32.48
N GLU A 51 6.33 -8.14 -32.07
CA GLU A 51 6.27 -9.27 -32.96
C GLU A 51 7.67 -9.69 -33.41
N ILE A 52 8.64 -9.54 -32.52
CA ILE A 52 10.01 -9.94 -32.84
C ILE A 52 10.45 -10.97 -31.81
N GLU A 53 11.33 -11.87 -32.22
CA GLU A 53 11.81 -12.89 -31.31
C GLU A 53 13.33 -12.97 -31.36
N PRO A 54 14.00 -11.99 -30.73
CA PRO A 54 15.47 -11.97 -30.71
C PRO A 54 16.03 -13.19 -30.01
N GLN A 55 17.13 -13.70 -30.53
CA GLN A 55 17.76 -14.88 -29.94
C GLN A 55 18.48 -14.49 -28.66
N VAL A 56 18.41 -15.34 -27.64
CA VAL A 56 19.06 -15.07 -26.37
C VAL A 56 20.49 -15.62 -26.42
N VAL A 57 21.47 -14.75 -26.20
CA VAL A 57 22.88 -15.14 -26.23
C VAL A 57 23.58 -14.65 -24.97
N GLN A 58 24.84 -15.03 -24.80
CA GLN A 58 25.60 -14.61 -23.62
C GLN A 58 26.75 -13.66 -23.95
N GLU A 59 26.95 -13.38 -25.23
CA GLU A 59 28.02 -12.48 -25.64
C GLU A 59 27.49 -11.59 -26.75
N VAL A 60 27.81 -10.31 -26.67
CA VAL A 60 27.35 -9.36 -27.66
C VAL A 60 27.92 -9.66 -29.05
N ASN A 61 27.06 -9.49 -30.05
CA ASN A 61 27.44 -9.66 -31.45
C ASN A 61 27.68 -8.23 -31.90
N GLU A 62 28.93 -7.91 -32.21
CA GLU A 62 29.31 -6.56 -32.63
C GLU A 62 28.46 -5.91 -33.72
N THR A 63 27.86 -6.71 -34.60
CA THR A 63 27.05 -6.16 -35.70
C THR A 63 25.55 -6.36 -35.55
N ALA A 64 25.11 -6.81 -34.39
CA ALA A 64 23.68 -7.02 -34.19
C ALA A 64 23.02 -5.98 -33.29
N ASN A 65 21.77 -5.63 -33.60
CA ASN A 65 21.03 -4.69 -32.77
C ASN A 65 20.71 -5.52 -31.54
N SER A 66 21.11 -5.06 -30.37
CA SER A 66 20.89 -5.86 -29.17
C SER A 66 20.44 -5.13 -27.94
N ILE A 67 19.93 -5.91 -26.99
CA ILE A 67 19.53 -5.42 -25.69
C ILE A 67 20.45 -6.18 -24.74
N TRP A 68 21.35 -5.45 -24.08
CA TRP A 68 22.33 -6.01 -23.16
C TRP A 68 21.83 -6.02 -21.71
N LEU A 69 21.92 -7.18 -21.05
CA LEU A 69 21.48 -7.34 -19.68
C LEU A 69 22.61 -7.86 -18.78
N GLY A 70 22.95 -7.10 -17.75
CA GLY A 70 24.00 -7.52 -16.84
C GLY A 70 24.24 -6.53 -15.71
N THR A 71 25.16 -6.89 -14.82
CA THR A 71 25.51 -6.03 -13.69
C THR A 71 26.84 -5.36 -14.01
N LEU A 72 27.23 -4.40 -13.18
CA LEU A 72 28.49 -3.69 -13.41
C LEU A 72 29.62 -4.67 -13.66
N GLU A 73 29.63 -5.74 -12.88
CA GLU A 73 30.64 -6.78 -12.97
C GLU A 73 30.72 -7.47 -14.33
N ASP A 74 29.63 -7.45 -15.08
CA ASP A 74 29.60 -8.11 -16.39
C ASP A 74 30.02 -7.16 -17.52
N GLU A 75 30.18 -5.89 -17.19
CA GLU A 75 30.56 -4.89 -18.18
C GLU A 75 32.01 -4.95 -18.64
N GLU A 76 32.24 -4.41 -19.84
CA GLU A 76 33.57 -4.35 -20.43
C GLU A 76 34.09 -2.94 -20.13
N PHE A 77 33.28 -1.95 -20.46
CA PHE A 77 33.61 -0.55 -20.24
C PHE A 77 32.59 0.06 -19.28
N GLU A 78 32.94 0.11 -18.00
CA GLU A 78 32.05 0.67 -16.99
C GLU A 78 32.01 2.18 -17.10
N ARG A 79 30.96 2.70 -17.75
CA ARG A 79 30.82 4.15 -17.92
C ARG A 79 30.47 4.85 -16.61
N PRO A 80 30.73 6.17 -16.54
CA PRO A 80 30.46 7.01 -15.37
C PRO A 80 29.07 6.88 -14.74
N LEU A 81 28.03 7.09 -15.54
CA LEU A 81 26.65 7.02 -15.03
C LEU A 81 26.40 5.82 -14.12
N GLU A 82 26.57 4.61 -14.65
CA GLU A 82 26.34 3.41 -13.86
C GLU A 82 27.33 3.34 -12.70
N GLY A 83 28.41 4.10 -12.82
CA GLY A 83 29.43 4.12 -11.78
C GLY A 83 28.95 4.84 -10.52
N THR A 84 27.87 5.61 -10.65
CA THR A 84 27.32 6.33 -9.51
C THR A 84 26.31 5.50 -8.72
N LEU A 85 25.93 4.35 -9.26
CA LEU A 85 24.96 3.48 -8.59
C LEU A 85 25.49 2.96 -7.26
N VAL A 86 24.69 3.13 -6.21
CA VAL A 86 25.08 2.65 -4.88
C VAL A 86 24.03 1.70 -4.32
N HIS A 87 22.78 1.87 -4.73
CA HIS A 87 21.71 1.01 -4.24
C HIS A 87 21.71 -0.33 -4.96
N PRO A 88 21.60 -1.44 -4.22
CA PRO A 88 21.59 -2.79 -4.77
C PRO A 88 20.51 -3.05 -5.83
N GLU A 89 19.38 -2.37 -5.70
CA GLU A 89 18.28 -2.55 -6.64
C GLU A 89 18.25 -1.49 -7.72
N GLY A 90 19.27 -0.64 -7.73
CA GLY A 90 19.35 0.42 -8.73
C GLY A 90 19.80 -0.11 -10.07
N TYR A 91 19.58 0.68 -11.11
CA TYR A 91 19.97 0.28 -12.46
C TYR A 91 20.10 1.50 -13.37
N VAL A 92 20.70 1.27 -14.52
CA VAL A 92 20.88 2.30 -15.51
C VAL A 92 20.44 1.72 -16.85
N ILE A 93 19.85 2.56 -17.68
CA ILE A 93 19.43 2.15 -19.02
C ILE A 93 19.96 3.25 -19.93
N ARG A 94 20.78 2.88 -20.90
CA ARG A 94 21.29 3.88 -21.83
C ARG A 94 21.50 3.30 -23.22
N SER A 95 21.21 4.12 -24.22
CA SER A 95 21.37 3.73 -25.62
C SER A 95 22.81 3.99 -25.99
N ASP A 96 23.43 3.05 -26.71
CA ASP A 96 24.81 3.22 -27.12
C ASP A 96 24.87 4.42 -28.08
N VAL A 97 25.79 5.35 -27.83
CA VAL A 97 25.93 6.53 -28.66
C VAL A 97 26.74 6.31 -29.94
N ASP A 98 27.06 5.05 -30.24
CA ASP A 98 27.82 4.73 -31.44
C ASP A 98 26.95 5.02 -32.66
N ASP A 99 27.56 5.05 -33.85
CA ASP A 99 26.81 5.30 -35.08
C ASP A 99 26.57 4.00 -35.84
N GLY A 100 26.76 2.88 -35.15
CA GLY A 100 26.55 1.59 -35.78
C GLY A 100 25.29 0.89 -35.32
N PRO A 101 25.40 -0.38 -34.90
CA PRO A 101 24.25 -1.15 -34.43
C PRO A 101 23.53 -0.47 -33.27
N PHE A 102 22.24 -0.72 -33.14
CA PHE A 102 21.48 -0.12 -32.05
C PHE A 102 21.65 -1.03 -30.83
N ARG A 103 22.10 -0.45 -29.72
CA ARG A 103 22.28 -1.23 -28.50
C ARG A 103 21.69 -0.52 -27.30
N ILE A 104 20.93 -1.28 -26.52
CA ILE A 104 20.33 -0.77 -25.30
C ILE A 104 21.01 -1.51 -24.16
N TYR A 105 21.55 -0.76 -23.21
CA TYR A 105 22.23 -1.35 -22.06
C TYR A 105 21.39 -1.19 -20.80
N ILE A 106 21.02 -2.31 -20.19
CA ILE A 106 20.25 -2.30 -18.95
C ILE A 106 21.24 -2.84 -17.91
N ILE A 107 21.84 -1.90 -17.18
CA ILE A 107 22.85 -2.21 -16.17
C ILE A 107 22.33 -2.09 -14.75
N GLY A 108 22.34 -3.21 -14.02
CA GLY A 108 21.87 -3.18 -12.64
C GLY A 108 22.99 -3.42 -11.65
N LYS A 109 22.81 -2.91 -10.43
CA LYS A 109 23.81 -3.09 -9.37
C LYS A 109 23.85 -4.56 -9.01
N THR A 110 22.68 -5.20 -9.06
CA THR A 110 22.53 -6.61 -8.75
C THR A 110 21.48 -7.16 -9.72
N ASP A 111 21.21 -8.45 -9.66
CA ASP A 111 20.21 -9.07 -10.53
C ASP A 111 18.85 -8.40 -10.39
N ALA A 112 18.49 -8.06 -9.16
CA ALA A 112 17.20 -7.41 -8.89
C ALA A 112 17.14 -6.10 -9.67
N GLY A 113 18.26 -5.38 -9.68
CA GLY A 113 18.32 -4.12 -10.39
C GLY A 113 18.06 -4.31 -11.87
N VAL A 114 18.53 -5.43 -12.42
CA VAL A 114 18.32 -5.73 -13.83
C VAL A 114 16.84 -6.03 -14.07
N LEU A 115 16.22 -6.73 -13.13
CA LEU A 115 14.81 -7.06 -13.26
C LEU A 115 13.97 -5.79 -13.31
N TYR A 116 14.23 -4.86 -12.39
CA TYR A 116 13.49 -3.60 -12.36
C TYR A 116 13.80 -2.74 -13.57
N GLY A 117 15.03 -2.84 -14.07
CA GLY A 117 15.41 -2.08 -15.24
C GLY A 117 14.65 -2.55 -16.47
N VAL A 118 14.52 -3.87 -16.60
CA VAL A 118 13.80 -4.44 -17.73
C VAL A 118 12.32 -4.04 -17.70
N PHE A 119 11.72 -4.05 -16.51
CA PHE A 119 10.32 -3.65 -16.42
C PHE A 119 10.16 -2.18 -16.77
N HIS A 120 11.18 -1.39 -16.45
CA HIS A 120 11.15 0.03 -16.77
C HIS A 120 11.26 0.17 -18.29
N PHE A 121 12.16 -0.61 -18.88
CA PHE A 121 12.34 -0.57 -20.33
C PHE A 121 11.03 -0.98 -21.01
N LEU A 122 10.40 -2.05 -20.52
CA LEU A 122 9.13 -2.51 -21.08
C LEU A 122 8.03 -1.49 -20.89
N ARG A 123 8.11 -0.74 -19.79
CA ARG A 123 7.13 0.30 -19.50
C ARG A 123 7.25 1.39 -20.56
N LEU A 124 8.49 1.78 -20.87
CA LEU A 124 8.72 2.81 -21.88
C LEU A 124 8.12 2.35 -23.22
N LEU A 125 8.27 1.06 -23.54
CA LEU A 125 7.73 0.53 -24.78
C LEU A 125 6.21 0.58 -24.79
N GLN A 126 5.58 0.15 -23.69
CA GLN A 126 4.12 0.18 -23.62
C GLN A 126 3.60 1.61 -23.74
N MET A 127 4.37 2.56 -23.21
N MET A 127 4.34 2.57 -23.22
CA MET A 127 3.98 3.98 -23.25
CA MET A 127 3.91 3.96 -23.29
C MET A 127 4.29 4.62 -24.60
C MET A 127 4.29 4.62 -24.61
N GLY A 128 5.00 3.88 -25.46
CA GLY A 128 5.37 4.41 -26.76
C GLY A 128 6.42 5.50 -26.73
N GLU A 129 7.32 5.43 -25.75
CA GLU A 129 8.37 6.44 -25.64
C GLU A 129 9.49 6.20 -26.65
N ASN A 130 10.12 7.28 -27.09
CA ASN A 130 11.21 7.20 -28.05
C ASN A 130 12.42 6.69 -27.25
N ILE A 131 12.97 5.55 -27.65
CA ILE A 131 14.12 5.00 -26.92
C ILE A 131 15.43 5.12 -27.69
N ALA A 132 15.43 5.92 -28.76
CA ALA A 132 16.64 6.10 -29.57
C ALA A 132 17.84 6.61 -28.79
N GLN A 133 17.60 7.47 -27.80
CA GLN A 133 18.69 8.04 -27.02
C GLN A 133 18.42 8.06 -25.51
N LEU A 134 18.30 6.88 -24.91
CA LEU A 134 18.04 6.78 -23.49
C LEU A 134 19.27 6.99 -22.61
N SER A 135 19.06 7.64 -21.48
CA SER A 135 20.09 7.88 -20.49
C SER A 135 19.33 7.94 -19.17
N ILE A 136 19.14 6.76 -18.57
CA ILE A 136 18.37 6.64 -17.35
C ILE A 136 19.10 6.00 -16.17
N ILE A 137 18.89 6.56 -14.98
CA ILE A 137 19.46 6.03 -13.76
C ILE A 137 18.33 6.04 -12.72
N GLU A 138 18.07 4.89 -12.11
CA GLU A 138 17.00 4.79 -11.12
C GLU A 138 17.42 3.98 -9.91
N GLN A 139 17.10 4.49 -8.73
CA GLN A 139 17.39 3.82 -7.48
C GLN A 139 16.16 4.03 -6.60
N PRO A 140 15.60 2.95 -6.05
CA PRO A 140 14.42 3.06 -5.20
C PRO A 140 14.70 3.84 -3.91
N LYS A 141 13.74 4.65 -3.49
N LYS A 141 13.75 4.67 -3.48
CA LYS A 141 13.88 5.47 -2.29
CA LYS A 141 13.93 5.45 -2.27
C LYS A 141 13.70 4.63 -1.02
C LYS A 141 13.72 4.60 -1.01
N ASN A 142 12.72 3.72 -1.04
CA ASN A 142 12.44 2.87 0.11
C ASN A 142 13.09 1.48 -0.01
N ARG A 143 13.82 1.07 1.03
CA ARG A 143 14.48 -0.23 1.02
C ARG A 143 13.46 -1.37 1.05
N LEU A 144 12.40 -1.19 1.83
N LEU A 144 12.41 -1.19 1.84
CA LEU A 144 11.36 -2.20 1.92
CA LEU A 144 11.35 -2.19 1.94
C LEU A 144 10.10 -1.66 1.24
C LEU A 144 10.11 -1.64 1.23
N ARG A 145 9.64 -2.38 0.23
CA ARG A 145 8.44 -2.00 -0.53
C ARG A 145 7.64 -3.27 -0.52
N MET A 146 6.79 -3.35 0.49
CA MET A 146 6.02 -4.53 0.81
C MET A 146 4.51 -4.53 0.61
N ILE A 147 4.00 -5.74 0.36
CA ILE A 147 2.57 -5.97 0.20
C ILE A 147 2.19 -6.94 1.31
N ASN A 148 1.17 -6.57 2.09
CA ASN A 148 0.69 -7.41 3.19
C ASN A 148 -0.64 -8.02 2.79
N HIS A 149 -0.74 -9.34 2.89
CA HIS A 149 -1.97 -10.05 2.57
C HIS A 149 -2.75 -10.39 3.84
N TRP A 150 -4.07 -10.27 3.76
CA TRP A 150 -4.93 -10.60 4.88
C TRP A 150 -5.70 -11.87 4.56
N ASP A 151 -5.13 -12.66 3.66
CA ASP A 151 -5.69 -13.93 3.22
C ASP A 151 -5.70 -14.94 4.37
N ASN A 152 -6.77 -15.74 4.43
CA ASN A 152 -6.89 -16.81 5.42
C ASN A 152 -6.77 -18.09 4.63
N MET A 153 -6.37 -19.18 5.28
CA MET A 153 -6.22 -20.45 4.59
C MET A 153 -7.52 -21.17 4.24
N ASP A 154 -8.65 -20.66 4.70
CA ASP A 154 -9.93 -21.27 4.36
C ASP A 154 -10.40 -20.64 3.05
N GLY A 155 -9.55 -19.76 2.50
CA GLY A 155 -9.89 -19.10 1.25
C GLY A 155 -10.41 -17.69 1.37
N SER A 156 -10.92 -17.33 2.55
CA SER A 156 -11.43 -15.99 2.74
C SER A 156 -10.29 -15.00 2.89
N ILE A 157 -10.61 -13.73 2.71
CA ILE A 157 -9.63 -12.65 2.84
C ILE A 157 -10.28 -11.62 3.75
N GLU A 158 -9.65 -11.34 4.89
CA GLU A 158 -10.22 -10.34 5.79
C GLU A 158 -10.18 -9.01 5.05
N ARG A 159 -11.34 -8.35 4.97
CA ARG A 159 -11.45 -7.08 4.26
C ARG A 159 -11.03 -7.23 2.80
N GLY A 160 -11.38 -8.37 2.21
CA GLY A 160 -11.05 -8.63 0.81
C GLY A 160 -12.31 -8.42 -0.01
N TYR A 161 -12.25 -7.56 -1.03
CA TYR A 161 -13.41 -7.26 -1.85
C TYR A 161 -13.19 -7.58 -3.33
N ALA A 162 -12.24 -8.48 -3.59
CA ALA A 162 -11.91 -8.85 -4.96
C ALA A 162 -11.90 -10.35 -5.17
N GLY A 163 -12.73 -11.07 -4.40
CA GLY A 163 -12.78 -12.51 -4.55
C GLY A 163 -12.01 -13.22 -3.45
N ARG A 164 -11.85 -14.52 -3.59
CA ARG A 164 -11.14 -15.33 -2.60
C ARG A 164 -9.64 -15.31 -2.78
N SER A 165 -8.93 -15.91 -1.82
CA SER A 165 -7.47 -15.97 -1.86
C SER A 165 -6.98 -16.70 -3.09
N ILE A 166 -5.85 -16.27 -3.63
CA ILE A 166 -5.27 -16.94 -4.79
C ILE A 166 -4.17 -17.85 -4.25
N PHE A 167 -3.94 -17.77 -2.94
CA PHE A 167 -2.91 -18.59 -2.28
C PHE A 167 -3.47 -19.84 -1.62
N PHE A 168 -4.56 -19.68 -0.87
CA PHE A 168 -5.14 -20.80 -0.13
C PHE A 168 -6.57 -21.18 -0.47
N VAL A 169 -6.92 -22.40 -0.08
CA VAL A 169 -8.25 -22.95 -0.27
C VAL A 169 -8.36 -24.24 0.56
N ASP A 170 -9.48 -24.41 1.23
CA ASP A 170 -9.73 -25.59 2.07
C ASP A 170 -8.58 -25.87 3.03
N ASP A 171 -8.09 -24.82 3.69
CA ASP A 171 -7.00 -24.95 4.65
C ASP A 171 -5.72 -25.53 4.06
N GLN A 172 -5.51 -25.29 2.77
CA GLN A 172 -4.32 -25.77 2.09
C GLN A 172 -3.88 -24.76 1.03
N PHE A 173 -2.73 -25.03 0.41
CA PHE A 173 -2.23 -24.17 -0.65
C PHE A 173 -2.88 -24.61 -1.95
N VAL A 174 -3.14 -23.66 -2.85
CA VAL A 174 -3.74 -23.99 -4.13
C VAL A 174 -2.70 -24.76 -4.94
N LYS A 175 -3.13 -25.83 -5.61
CA LYS A 175 -2.22 -26.66 -6.41
C LYS A 175 -1.57 -25.94 -7.59
N ASN A 177 0.10 -22.92 -9.42
CA ASN A 177 0.85 -21.71 -9.08
C ASN A 177 1.06 -20.75 -10.24
N GLN A 178 0.42 -20.99 -11.38
CA GLN A 178 0.59 -20.09 -12.51
C GLN A 178 0.13 -18.68 -12.17
N ARG A 179 -0.97 -18.57 -11.42
CA ARG A 179 -1.44 -17.23 -11.08
C ARG A 179 -0.48 -16.55 -10.10
N ILE A 180 0.19 -17.34 -9.28
CA ILE A 180 1.13 -16.76 -8.33
C ILE A 180 2.30 -16.15 -9.10
N LYS A 181 2.71 -16.83 -10.17
CA LYS A 181 3.82 -16.33 -10.99
C LYS A 181 3.43 -15.01 -11.65
N ASP A 182 2.22 -14.96 -12.21
CA ASP A 182 1.78 -13.74 -12.84
C ASP A 182 1.59 -12.62 -11.83
N TYR A 183 1.22 -12.99 -10.62
CA TYR A 183 1.03 -11.99 -9.56
C TYR A 183 2.42 -11.42 -9.22
N ALA A 184 3.41 -12.31 -9.14
CA ALA A 184 4.78 -11.91 -8.84
C ALA A 184 5.28 -10.96 -9.93
N ARG A 185 4.92 -11.27 -11.17
CA ARG A 185 5.32 -10.43 -12.30
C ARG A 185 4.75 -9.03 -12.13
N LEU A 186 3.47 -8.97 -11.76
CA LEU A 186 2.82 -7.68 -11.55
C LEU A 186 3.51 -6.90 -10.44
N LEU A 187 3.73 -7.54 -9.30
CA LEU A 187 4.38 -6.87 -8.18
C LEU A 187 5.78 -6.38 -8.55
N ALA A 188 6.57 -7.26 -9.15
CA ALA A 188 7.93 -6.91 -9.55
C ALA A 188 7.95 -5.78 -10.58
N SER A 189 6.94 -5.72 -11.45
CA SER A 189 6.90 -4.68 -12.47
C SER A 189 6.87 -3.30 -11.83
N VAL A 190 6.27 -3.20 -10.64
CA VAL A 190 6.21 -1.92 -9.95
C VAL A 190 7.15 -1.84 -8.76
N GLY A 191 8.21 -2.66 -8.79
CA GLY A 191 9.22 -2.64 -7.74
C GLY A 191 8.97 -3.27 -6.38
N ILE A 192 7.81 -3.85 -6.14
CA ILE A 192 7.56 -4.47 -4.83
C ILE A 192 8.56 -5.60 -4.59
N ASN A 193 9.24 -5.55 -3.44
CA ASN A 193 10.27 -6.54 -3.13
C ASN A 193 10.06 -7.37 -1.87
N ALA A 194 8.86 -7.32 -1.31
CA ALA A 194 8.59 -8.08 -0.09
C ALA A 194 7.11 -8.35 0.02
N ILE A 195 6.75 -9.49 0.60
CA ILE A 195 5.35 -9.84 0.73
C ILE A 195 5.07 -10.81 1.87
N SER A 196 4.00 -10.53 2.62
CA SER A 196 3.56 -11.42 3.70
C SER A 196 2.32 -12.06 3.07
N ILE A 197 2.32 -13.39 2.98
CA ILE A 197 1.24 -14.11 2.33
C ILE A 197 0.00 -14.46 3.13
N ASN A 198 0.08 -14.34 4.46
CA ASN A 198 -1.08 -14.68 5.29
C ASN A 198 -1.52 -13.56 6.24
N ASN A 199 -2.81 -13.59 6.57
CA ASN A 199 -3.45 -12.61 7.46
C ASN A 199 -2.64 -12.33 8.73
N VAL A 200 -2.50 -11.04 9.07
CA VAL A 200 -1.77 -10.66 10.27
C VAL A 200 -2.53 -11.22 11.48
N ASN A 201 -3.83 -11.44 11.31
CA ASN A 201 -4.64 -12.05 12.36
C ASN A 201 -4.53 -13.54 12.06
N VAL A 202 -3.55 -14.18 12.69
CA VAL A 202 -3.28 -15.61 12.47
C VAL A 202 -4.22 -16.53 13.23
N HIS A 203 -4.94 -17.36 12.48
CA HIS A 203 -5.87 -18.30 13.10
C HIS A 203 -5.26 -19.68 13.27
N LYS A 204 -6.08 -20.63 13.70
CA LYS A 204 -5.65 -21.99 13.95
C LYS A 204 -4.77 -22.64 12.88
N THR A 205 -5.31 -22.83 11.69
CA THR A 205 -4.56 -23.47 10.62
C THR A 205 -3.33 -22.67 10.22
N GLU A 206 -3.49 -21.34 10.10
CA GLU A 206 -2.38 -20.47 9.70
C GLU A 206 -1.20 -20.48 10.66
N THR A 207 -1.46 -20.78 11.92
CA THR A 207 -0.41 -20.84 12.92
C THR A 207 0.63 -21.88 12.50
N LYS A 208 0.16 -22.91 11.79
CA LYS A 208 1.01 -24.01 11.33
C LYS A 208 1.87 -23.71 10.12
N LEU A 209 1.77 -22.50 9.57
CA LEU A 209 2.58 -22.16 8.42
C LEU A 209 4.07 -22.18 8.74
N ILE A 210 4.39 -22.13 10.03
CA ILE A 210 5.78 -22.15 10.45
C ILE A 210 6.25 -23.54 10.89
N THR A 211 5.52 -24.58 10.47
CA THR A 211 5.89 -25.94 10.84
C THR A 211 6.19 -26.75 9.59
N ASP A 212 6.81 -27.90 9.78
CA ASP A 212 7.17 -28.76 8.66
C ASP A 212 5.95 -29.19 7.85
N HIS A 213 4.78 -29.16 8.47
CA HIS A 213 3.58 -29.57 7.76
C HIS A 213 3.31 -28.70 6.54
N PHE A 214 3.52 -27.39 6.67
CA PHE A 214 3.27 -26.46 5.57
C PHE A 214 4.51 -25.80 4.95
N LEU A 215 5.63 -25.79 5.67
CA LEU A 215 6.82 -25.14 5.15
C LEU A 215 7.21 -25.54 3.73
N PRO A 216 6.99 -26.81 3.33
CA PRO A 216 7.34 -27.18 1.96
C PRO A 216 6.53 -26.36 0.95
N ASP A 217 5.26 -26.15 1.24
CA ASP A 217 4.40 -25.37 0.34
C ASP A 217 4.78 -23.90 0.39
N VAL A 218 5.05 -23.39 1.59
CA VAL A 218 5.44 -21.99 1.74
C VAL A 218 6.72 -21.77 0.93
N ALA A 219 7.59 -22.77 0.96
CA ALA A 219 8.86 -22.70 0.24
C ALA A 219 8.69 -22.63 -1.27
N GLU A 220 7.78 -23.41 -1.84
CA GLU A 220 7.63 -23.35 -3.29
C GLU A 220 6.99 -22.02 -3.71
N VAL A 221 6.21 -21.42 -2.81
CA VAL A 221 5.63 -20.12 -3.10
C VAL A 221 6.78 -19.12 -3.06
N ALA A 222 7.62 -19.25 -2.05
CA ALA A 222 8.77 -18.37 -1.89
C ALA A 222 9.76 -18.51 -3.05
N ASP A 223 9.85 -19.71 -3.62
CA ASP A 223 10.75 -19.93 -4.74
C ASP A 223 10.34 -19.07 -5.93
N ILE A 224 9.04 -19.00 -6.17
CA ILE A 224 8.50 -18.20 -7.27
C ILE A 224 8.79 -16.73 -7.05
N PHE A 225 8.44 -16.22 -5.88
CA PHE A 225 8.66 -14.81 -5.55
C PHE A 225 10.13 -14.43 -5.63
N ARG A 226 11.01 -15.35 -5.27
CA ARG A 226 12.44 -15.09 -5.31
C ARG A 226 12.89 -14.79 -6.73
N THR A 227 12.40 -15.56 -7.69
CA THR A 227 12.80 -15.35 -9.09
C THR A 227 12.42 -13.95 -9.56
N TYR A 228 11.50 -13.31 -8.84
CA TYR A 228 11.08 -11.97 -9.19
C TYR A 228 11.55 -10.92 -8.18
N GLY A 229 12.63 -11.24 -7.47
CA GLY A 229 13.21 -10.33 -6.50
C GLY A 229 12.36 -10.01 -5.29
N ILE A 230 11.44 -10.92 -4.96
CA ILE A 230 10.55 -10.70 -3.83
C ILE A 230 10.83 -11.62 -2.65
N LYS A 231 11.09 -11.03 -1.50
N LYS A 231 11.09 -11.02 -1.50
CA LYS A 231 11.37 -11.77 -0.28
CA LYS A 231 11.37 -11.77 -0.28
C LYS A 231 10.05 -12.13 0.42
C LYS A 231 10.05 -12.14 0.40
N THR A 232 9.95 -13.37 0.89
CA THR A 232 8.73 -13.84 1.55
C THR A 232 8.70 -13.74 3.07
N PHE A 233 7.56 -13.26 3.59
CA PHE A 233 7.33 -13.10 5.03
C PHE A 233 6.07 -13.88 5.45
N LEU A 234 6.00 -14.22 6.73
CA LEU A 234 4.83 -14.92 7.25
C LEU A 234 4.33 -14.15 8.47
N SER A 235 3.01 -14.06 8.64
CA SER A 235 2.47 -13.42 9.82
C SER A 235 2.46 -14.56 10.83
N ILE A 236 2.82 -14.27 12.07
CA ILE A 236 2.86 -15.34 13.05
C ILE A 236 1.95 -15.11 14.25
N ASN A 237 1.60 -16.21 14.89
CA ASN A 237 0.77 -16.22 16.08
C ASN A 237 1.75 -16.17 17.25
N TYR A 238 1.76 -15.08 18.01
CA TYR A 238 2.68 -14.94 19.13
C TYR A 238 2.57 -16.10 20.13
N ALA A 239 1.39 -16.71 20.20
CA ALA A 239 1.16 -17.81 21.13
C ALA A 239 1.54 -19.19 20.57
N SER A 240 2.25 -19.20 19.44
CA SER A 240 2.67 -20.46 18.83
C SER A 240 3.34 -21.45 19.77
N PRO A 241 4.23 -20.98 20.66
CA PRO A 241 4.90 -21.92 21.59
C PRO A 241 3.88 -22.77 22.35
N ILE A 242 2.73 -22.17 22.65
N ILE A 242 2.73 -22.18 22.66
CA ILE A 242 1.67 -22.86 23.37
CA ILE A 242 1.69 -22.90 23.39
C ILE A 242 0.89 -23.75 22.43
C ILE A 242 0.86 -23.76 22.45
N GLU A 243 0.24 -23.12 21.45
CA GLU A 243 -0.59 -23.83 20.47
C GLU A 243 0.06 -24.97 19.69
N ILE A 244 1.30 -24.79 19.27
CA ILE A 244 1.96 -25.84 18.51
C ILE A 244 3.29 -26.28 19.09
N GLY A 245 3.80 -25.53 20.06
CA GLY A 245 5.09 -25.87 20.65
C GLY A 245 5.01 -26.71 21.91
N GLY A 246 3.80 -26.94 22.40
CA GLY A 246 3.65 -27.74 23.60
C GLY A 246 4.18 -27.11 24.86
N LEU A 247 4.54 -25.83 24.81
CA LEU A 247 5.04 -25.12 25.98
C LEU A 247 3.90 -24.56 26.81
N PRO A 248 4.13 -24.32 28.11
CA PRO A 248 3.13 -23.79 29.05
C PRO A 248 2.93 -22.28 29.00
N THR A 249 3.84 -21.56 28.36
CA THR A 249 3.72 -20.10 28.29
C THR A 249 4.20 -19.54 26.95
N ALA A 250 3.89 -18.28 26.69
CA ALA A 250 4.30 -17.60 25.46
C ALA A 250 5.15 -16.40 25.84
N ASP A 251 5.39 -16.25 27.14
CA ASP A 251 6.18 -15.15 27.69
C ASP A 251 7.52 -15.00 26.97
N PRO A 252 7.75 -13.84 26.33
CA PRO A 252 9.00 -13.59 25.61
C PRO A 252 10.25 -13.67 26.49
N LEU A 253 10.07 -13.54 27.80
CA LEU A 253 11.23 -13.62 28.69
C LEU A 253 11.46 -15.05 29.18
N ASP A 254 10.52 -15.95 28.90
CA ASP A 254 10.68 -17.35 29.32
C ASP A 254 11.80 -17.97 28.51
N PRO A 255 12.82 -18.51 29.19
CA PRO A 255 13.96 -19.13 28.51
C PRO A 255 13.59 -20.13 27.41
N GLU A 256 12.62 -21.00 27.69
CA GLU A 256 12.22 -21.99 26.69
C GLU A 256 11.49 -21.37 25.49
N VAL A 257 10.65 -20.38 25.74
CA VAL A 257 9.94 -19.71 24.66
C VAL A 257 10.96 -19.12 23.69
N ARG A 258 11.96 -18.43 24.24
CA ARG A 258 13.01 -17.80 23.45
C ARG A 258 13.72 -18.85 22.58
N ARG A 259 14.04 -19.98 23.20
CA ARG A 259 14.70 -21.06 22.48
C ARG A 259 13.78 -21.60 21.39
N TRP A 260 12.51 -21.78 21.71
CA TRP A 260 11.54 -22.30 20.74
C TRP A 260 11.51 -21.47 19.46
N TRP A 261 11.51 -20.15 19.60
CA TRP A 261 11.47 -19.28 18.44
C TRP A 261 12.76 -19.32 17.63
N LYS A 262 13.89 -19.49 18.31
CA LYS A 262 15.17 -19.59 17.61
C LYS A 262 15.17 -20.86 16.77
N GLU A 263 14.70 -21.96 17.34
CA GLU A 263 14.66 -23.22 16.60
C GLU A 263 13.67 -23.14 15.45
N THR A 264 12.58 -22.40 15.67
CA THR A 264 11.58 -22.24 14.63
C THR A 264 12.19 -21.47 13.46
N ALA A 265 12.90 -20.39 13.77
CA ALA A 265 13.55 -19.58 12.75
C ALA A 265 14.54 -20.45 11.97
N LYS A 266 15.38 -21.16 12.69
CA LYS A 266 16.38 -22.03 12.08
C LYS A 266 15.69 -23.00 11.12
N ARG A 267 14.59 -23.59 11.57
CA ARG A 267 13.83 -24.54 10.75
C ARG A 267 13.32 -23.90 9.47
N ILE A 268 12.78 -22.68 9.58
CA ILE A 268 12.25 -21.98 8.41
C ILE A 268 13.34 -21.70 7.38
N TYR A 269 14.48 -21.21 7.83
CA TYR A 269 15.56 -20.88 6.92
C TYR A 269 16.15 -22.09 6.20
N GLN A 270 15.92 -23.28 6.74
CA GLN A 270 16.41 -24.49 6.08
C GLN A 270 15.59 -24.68 4.82
N TYR A 271 14.32 -24.30 4.87
CA TYR A 271 13.42 -24.40 3.72
C TYR A 271 13.55 -23.15 2.85
N ILE A 272 13.70 -22.00 3.51
CA ILE A 272 13.78 -20.71 2.82
C ILE A 272 15.00 -19.94 3.31
N PRO A 273 16.16 -20.17 2.68
CA PRO A 273 17.43 -19.52 3.02
C PRO A 273 17.41 -18.00 3.09
N ASP A 274 16.55 -17.38 2.28
CA ASP A 274 16.46 -15.92 2.27
C ASP A 274 15.13 -15.41 2.84
N PHE A 275 14.53 -16.20 3.72
CA PHE A 275 13.26 -15.84 4.37
C PHE A 275 13.30 -14.40 4.86
N GLY A 276 12.26 -13.65 4.55
CA GLY A 276 12.22 -12.24 4.95
C GLY A 276 12.07 -11.96 6.43
N GLY A 277 11.19 -12.70 7.09
CA GLY A 277 10.96 -12.49 8.50
C GLY A 277 9.50 -12.65 8.88
N PHE A 278 9.12 -12.09 10.02
CA PHE A 278 7.77 -12.18 10.53
C PHE A 278 7.02 -10.86 10.56
N VAL A 279 5.72 -10.91 10.31
CA VAL A 279 4.86 -9.74 10.41
C VAL A 279 4.13 -10.12 11.69
N VAL A 280 4.07 -9.22 12.66
CA VAL A 280 3.46 -9.56 13.93
C VAL A 280 2.49 -8.58 14.55
N LYS A 281 1.39 -9.14 15.06
CA LYS A 281 0.37 -8.39 15.78
C LYS A 281 0.37 -9.11 17.12
N ALA A 282 1.07 -8.60 18.03
CA ALA A 282 1.38 -9.31 19.27
C ALA A 282 0.29 -9.50 20.33
N ASP A 283 -0.51 -8.81 20.67
CA ASP A 283 -1.53 -9.19 21.64
C ASP A 283 -2.94 -9.29 21.07
N SER A 284 -3.33 -10.39 21.69
CA SER A 284 -4.69 -10.50 21.14
C SER A 284 -5.68 -10.91 22.23
N GLU A 285 -6.63 -10.92 21.84
CA GLU A 285 -7.62 -10.92 22.92
C GLU A 285 -8.04 -12.34 23.29
N PHE A 286 -7.70 -13.29 22.42
CA PHE A 286 -8.04 -14.68 22.67
C PHE A 286 -6.82 -15.56 22.91
N ARG A 287 -5.63 -14.98 22.75
N ARG A 287 -5.63 -14.98 22.75
CA ARG A 287 -4.39 -15.72 22.95
CA ARG A 287 -4.39 -15.72 22.95
C ARG A 287 -3.37 -14.90 23.72
C ARG A 287 -3.37 -14.89 23.72
N PRO A 288 -2.48 -15.55 24.47
N PRO A 288 -2.48 -15.56 24.46
CA PRO A 288 -1.46 -14.86 25.25
CA PRO A 288 -1.46 -14.84 25.25
C PRO A 288 -0.52 -14.04 24.36
C PRO A 288 -0.52 -14.04 24.36
N GLY A 289 -0.09 -12.89 24.87
CA GLY A 289 0.81 -12.04 24.13
C GLY A 289 1.76 -11.39 25.12
N PRO A 290 2.66 -10.51 24.68
CA PRO A 290 3.60 -9.84 25.59
C PRO A 290 2.93 -9.20 26.81
N PHE A 291 1.85 -8.47 26.58
N PHE A 291 1.85 -8.46 26.59
CA PHE A 291 1.13 -7.80 27.65
CA PHE A 291 1.14 -7.80 27.68
C PHE A 291 0.54 -8.78 28.66
C PHE A 291 0.52 -8.78 28.66
N THR A 292 0.25 -9.99 28.20
CA THR A 292 -0.34 -11.02 29.06
C THR A 292 0.60 -11.28 30.24
N TYR A 293 1.90 -11.13 30.00
CA TYR A 293 2.90 -11.38 31.03
C TYR A 293 3.54 -10.08 31.53
N GLY A 294 2.90 -8.96 31.25
CA GLY A 294 3.41 -7.67 31.68
C GLY A 294 4.68 -7.22 30.98
N ARG A 295 4.92 -7.71 29.77
CA ARG A 295 6.11 -7.30 29.03
C ARG A 295 5.70 -6.20 28.04
N ASP A 296 6.63 -5.28 27.75
CA ASP A 296 6.31 -4.21 26.81
C ASP A 296 6.58 -4.63 25.37
N HIS A 297 6.31 -3.73 24.44
CA HIS A 297 6.50 -4.00 23.03
C HIS A 297 7.95 -4.28 22.63
N ALA A 298 8.90 -3.66 23.31
CA ALA A 298 10.31 -3.87 23.01
C ALA A 298 10.71 -5.29 23.37
N GLU A 299 10.33 -5.72 24.58
CA GLU A 299 10.65 -7.07 25.03
C GLU A 299 9.97 -8.09 24.10
N GLY A 300 8.74 -7.80 23.73
CA GLY A 300 8.01 -8.71 22.85
C GLY A 300 8.63 -8.82 21.47
N ALA A 301 8.96 -7.66 20.87
CA ALA A 301 9.55 -7.63 19.54
C ALA A 301 10.99 -8.11 19.51
N ASN A 302 11.79 -7.71 20.50
CA ASN A 302 13.20 -8.11 20.53
C ASN A 302 13.44 -9.61 20.63
N MET A 303 12.54 -10.32 21.31
CA MET A 303 12.69 -11.77 21.45
C MET A 303 12.65 -12.41 20.07
N LEU A 304 11.67 -12.00 19.24
CA LEU A 304 11.54 -12.53 17.90
C LEU A 304 12.69 -12.05 17.01
N ALA A 305 13.15 -10.83 17.24
CA ALA A 305 14.24 -10.27 16.44
C ALA A 305 15.52 -11.06 16.70
N GLU A 306 15.71 -11.48 17.95
CA GLU A 306 16.89 -12.24 18.32
C GLU A 306 16.86 -13.62 17.66
N ALA A 307 15.68 -14.17 17.47
CA ALA A 307 15.56 -15.47 16.82
C ALA A 307 15.89 -15.38 15.33
N LEU A 308 15.56 -14.24 14.73
CA LEU A 308 15.79 -14.04 13.30
C LEU A 308 17.15 -13.44 12.95
N ALA A 309 17.75 -12.73 13.91
CA ALA A 309 19.02 -12.06 13.70
C ALA A 309 20.15 -12.86 13.04
N PRO A 310 20.41 -14.09 13.51
CA PRO A 310 21.49 -14.88 12.91
C PRO A 310 21.25 -15.22 11.43
N PHE A 311 19.99 -15.17 11.03
CA PHE A 311 19.62 -15.50 9.66
C PHE A 311 19.37 -14.28 8.78
N GLY A 312 19.36 -13.09 9.38
CA GLY A 312 19.14 -11.87 8.62
C GLY A 312 17.68 -11.49 8.49
N GLY A 313 16.81 -12.18 9.22
CA GLY A 313 15.39 -11.90 9.16
C GLY A 313 14.98 -10.61 9.85
N LEU A 314 13.81 -10.10 9.48
CA LEU A 314 13.29 -8.87 10.06
C LEU A 314 11.96 -9.09 10.76
N VAL A 315 11.71 -8.29 11.78
CA VAL A 315 10.46 -8.36 12.53
C VAL A 315 9.63 -7.13 12.18
N ILE A 316 8.51 -7.34 11.49
CA ILE A 316 7.62 -6.24 11.14
C ILE A 316 6.61 -6.19 12.29
N TRP A 317 6.81 -5.26 13.21
CA TRP A 317 5.96 -5.15 14.38
C TRP A 317 4.79 -4.19 14.24
N ARG A 318 3.58 -4.73 14.24
CA ARG A 318 2.38 -3.92 14.12
C ARG A 318 2.21 -3.08 15.39
N CYS A 319 2.13 -1.77 15.23
CA CYS A 319 1.97 -0.88 16.38
C CYS A 319 0.53 -0.88 16.86
N PHE A 320 0.07 -2.07 17.24
CA PHE A 320 -1.29 -2.26 17.72
C PHE A 320 -1.31 -2.18 19.24
N VAL A 321 -2.02 -1.10 19.38
CA VAL A 321 -1.96 -1.02 20.84
C VAL A 321 -3.00 -1.93 21.47
N CYS A 324 -8.94 -1.19 21.24
CA CYS A 324 -10.01 -1.78 22.09
C CYS A 324 -11.13 -1.96 23.11
N GLN A 325 -11.24 -1.74 24.11
CA GLN A 325 -12.08 -0.81 24.85
C GLN A 325 -11.92 0.44 25.71
N GLN A 326 -12.27 1.22 25.13
CA GLN A 326 -12.32 2.40 25.98
C GLN A 326 -13.77 2.84 26.15
N ASP A 327 -13.99 3.74 27.10
CA ASP A 327 -15.33 4.22 27.38
C ASP A 327 -15.66 5.47 26.58
N TRP A 328 -16.79 5.46 25.89
CA TRP A 328 -17.21 6.62 25.10
C TRP A 328 -17.54 7.79 26.02
N ARG A 329 -17.82 7.47 27.29
CA ARG A 329 -18.17 8.47 28.28
C ARG A 329 -16.98 9.37 28.64
N ASP A 330 -15.79 8.79 28.62
CA ASP A 330 -14.57 9.51 28.99
C ASP A 330 -13.96 10.29 27.81
N ARG A 331 -14.17 11.59 27.80
CA ARG A 331 -13.64 12.42 26.72
C ARG A 331 -12.18 12.82 26.94
N THR A 332 -11.55 12.30 27.99
CA THR A 332 -10.14 12.63 28.24
C THR A 332 -9.26 11.59 27.54
N THR A 333 -9.79 10.38 27.38
CA THR A 333 -9.09 9.30 26.71
C THR A 333 -9.26 9.48 25.21
N ASP A 334 -8.18 9.29 24.46
CA ASP A 334 -8.21 9.49 23.01
C ASP A 334 -7.45 8.38 22.29
N ARG A 335 -8.18 7.57 21.53
CA ARG A 335 -7.57 6.47 20.79
C ARG A 335 -6.47 6.97 19.86
N ALA A 336 -6.64 8.17 19.31
CA ALA A 336 -5.66 8.74 18.40
C ALA A 336 -4.29 8.95 19.06
N LYS A 337 -4.28 9.10 20.38
CA LYS A 337 -3.04 9.32 21.12
C LYS A 337 -2.30 8.04 21.51
N ALA A 338 -3.02 6.92 21.54
CA ALA A 338 -2.47 5.64 21.95
C ALA A 338 -1.14 5.18 21.34
N ALA A 339 -1.07 5.09 20.02
CA ALA A 339 0.15 4.64 19.36
C ALA A 339 1.39 5.40 19.83
N TYR A 340 1.35 6.72 19.73
CA TYR A 340 2.47 7.56 20.14
C TYR A 340 2.78 7.40 21.64
N ASP A 341 1.74 7.44 22.47
CA ASP A 341 1.96 7.31 23.91
C ASP A 341 2.60 5.98 24.31
N HIS A 342 2.28 4.91 23.60
CA HIS A 342 2.85 3.61 23.92
C HIS A 342 4.23 3.33 23.33
N PHE A 343 4.49 3.78 22.10
CA PHE A 343 5.78 3.53 21.47
C PHE A 343 6.86 4.59 21.57
N LYS A 344 6.47 5.85 21.63
CA LYS A 344 7.43 6.94 21.72
C LYS A 344 8.46 6.72 22.84
N PRO A 345 7.98 6.34 24.04
CA PRO A 345 8.87 6.11 25.18
C PRO A 345 9.82 4.92 24.98
N LEU A 346 9.48 4.03 24.06
CA LEU A 346 10.31 2.85 23.81
C LEU A 346 11.39 3.09 22.76
N ASP A 347 11.44 4.30 22.21
CA ASP A 347 12.43 4.61 21.20
C ASP A 347 13.84 4.31 21.69
N GLY A 348 14.59 3.54 20.90
CA GLY A 348 15.95 3.19 21.29
C GLY A 348 16.07 1.86 22.00
N GLN A 349 14.95 1.24 22.35
CA GLN A 349 14.98 -0.04 23.05
C GLN A 349 14.72 -1.24 22.13
N PHE A 350 14.43 -0.96 20.86
CA PHE A 350 14.16 -2.03 19.89
C PHE A 350 15.43 -2.48 19.18
N ARG A 351 15.55 -3.78 18.94
CA ARG A 351 16.70 -4.32 18.24
C ARG A 351 16.72 -3.74 16.82
N GLU A 352 17.91 -3.74 16.22
CA GLU A 352 18.09 -3.20 14.88
C GLU A 352 17.27 -3.84 13.75
N ASN A 353 16.90 -5.11 13.90
CA ASN A 353 16.13 -5.77 12.84
C ASN A 353 14.62 -5.77 13.11
N VAL A 354 14.19 -4.84 13.94
CA VAL A 354 12.78 -4.68 14.25
C VAL A 354 12.33 -3.41 13.55
N ILE A 355 11.21 -3.48 12.82
CA ILE A 355 10.68 -2.32 12.13
C ILE A 355 9.25 -2.14 12.62
N LEU A 356 8.95 -0.98 13.18
CA LEU A 356 7.60 -0.70 13.67
C LEU A 356 6.70 -0.39 12.48
N GLN A 357 5.61 -1.13 12.32
CA GLN A 357 4.70 -0.88 11.21
C GLN A 357 3.60 0.05 11.72
N ILE A 358 3.54 1.24 11.13
CA ILE A 358 2.58 2.27 11.54
C ILE A 358 1.66 2.66 10.38
N LYS A 359 0.36 2.71 10.64
CA LYS A 359 -0.61 3.09 9.61
C LYS A 359 -0.43 4.56 9.26
N ASN A 360 -0.85 4.96 8.07
CA ASN A 360 -0.70 6.35 7.68
C ASN A 360 -1.33 7.28 8.71
N GLY A 361 -2.45 6.84 9.29
CA GLY A 361 -3.13 7.65 10.29
C GLY A 361 -3.19 6.97 11.65
N PRO A 362 -3.47 7.71 12.72
CA PRO A 362 -3.53 7.14 14.07
C PRO A 362 -4.79 6.35 14.43
N MET A 363 -5.77 6.33 13.53
CA MET A 363 -7.00 5.60 13.83
C MET A 363 -7.08 4.28 13.06
N ASP A 364 -7.69 4.27 11.89
CA ASP A 364 -7.79 3.03 11.13
C ASP A 364 -8.22 3.22 9.68
N PHE A 365 -7.28 3.64 8.85
CA PHE A 365 -7.52 3.80 7.42
C PHE A 365 -8.83 4.50 7.01
N GLN A 366 -9.19 5.58 7.68
CA GLN A 366 -10.42 6.29 7.32
C GLN A 366 -10.19 7.09 6.03
N VAL A 367 -11.27 7.47 5.34
CA VAL A 367 -11.16 8.22 4.09
C VAL A 367 -10.15 9.35 4.23
N ARG A 368 -10.11 9.96 5.41
CA ARG A 368 -9.13 10.99 5.69
C ARG A 368 -8.79 10.96 7.16
N GLU A 369 -7.49 10.98 7.46
CA GLU A 369 -7.00 10.99 8.82
C GLU A 369 -5.73 11.81 8.82
N PRO A 370 -5.45 12.55 9.91
CA PRO A 370 -4.22 13.31 9.90
C PRO A 370 -3.08 12.28 9.96
N VAL A 371 -1.84 12.71 9.77
CA VAL A 371 -0.71 11.78 9.78
C VAL A 371 -0.37 11.28 11.18
N SER A 372 -0.04 9.99 11.29
CA SER A 372 0.36 9.41 12.58
C SER A 372 1.51 10.22 13.16
N PRO A 373 1.36 10.70 14.40
CA PRO A 373 2.43 11.49 15.03
C PRO A 373 3.73 10.71 15.22
N LEU A 374 3.64 9.38 15.23
CA LEU A 374 4.84 8.55 15.40
C LEU A 374 5.90 8.80 14.36
N PHE A 375 5.49 9.15 13.14
CA PHE A 375 6.47 9.41 12.09
C PHE A 375 7.22 10.70 12.43
N GLY A 376 8.53 10.57 12.62
CA GLY A 376 9.37 11.70 12.97
C GLY A 376 9.68 11.77 14.45
N ALA A 377 8.99 10.96 15.25
CA ALA A 377 9.17 10.97 16.70
C ALA A 377 10.10 9.89 17.28
N MET A 378 10.59 8.98 16.46
CA MET A 378 11.46 7.92 16.96
C MET A 378 12.72 7.80 16.11
N PRO A 379 13.64 8.76 16.26
CA PRO A 379 14.89 8.75 15.49
C PRO A 379 15.78 7.53 15.70
N LYS A 380 15.53 6.77 16.77
CA LYS A 380 16.33 5.58 17.05
C LYS A 380 15.61 4.26 16.77
N THR A 381 14.47 4.32 16.11
CA THR A 381 13.72 3.11 15.82
C THR A 381 13.26 3.06 14.37
N ASN A 382 13.59 1.98 13.66
CA ASN A 382 13.17 1.83 12.27
C ASN A 382 11.65 1.93 12.19
N GLN A 383 11.16 2.60 11.15
CA GLN A 383 9.71 2.72 10.96
C GLN A 383 9.30 2.46 9.53
N MET A 384 8.15 1.83 9.39
CA MET A 384 7.57 1.51 8.09
C MET A 384 6.12 1.94 8.12
N MET A 385 5.67 2.65 7.09
CA MET A 385 4.28 3.07 7.05
C MET A 385 3.47 2.05 6.27
N GLN A 386 2.29 1.74 6.78
CA GLN A 386 1.37 0.87 6.06
C GLN A 386 0.21 1.66 5.48
N VAL A 387 -0.14 1.38 4.37
CA VAL A 387 -1.34 2.02 3.83
C VAL A 387 -2.24 0.87 3.45
N GLN A 388 -3.51 1.16 3.21
CA GLN A 388 -4.44 0.10 2.88
C GLN A 388 -4.92 0.21 1.44
N ILE A 389 -4.48 -0.73 0.60
CA ILE A 389 -4.89 -0.72 -0.80
C ILE A 389 -6.32 -1.24 -0.92
N THR A 390 -6.65 -2.28 -0.16
CA THR A 390 -8.02 -2.79 -0.17
C THR A 390 -8.83 -1.64 0.43
N GLN A 391 -9.92 -1.27 -0.23
CA GLN A 391 -10.73 -0.13 0.20
C GLN A 391 -11.76 -0.38 1.30
N GLU A 392 -11.29 -0.80 2.47
CA GLU A 392 -12.18 -1.09 3.60
C GLU A 392 -13.15 0.06 3.93
N TYR A 393 -12.61 1.26 4.10
CA TYR A 393 -13.43 2.41 4.43
C TYR A 393 -13.52 3.38 3.27
N THR A 394 -12.99 2.98 2.11
CA THR A 394 -13.00 3.87 0.96
C THR A 394 -13.79 3.34 -0.25
N GLY A 395 -14.91 2.66 0.01
CA GLY A 395 -15.73 2.18 -1.09
C GLY A 395 -15.73 0.69 -1.38
N GLN A 396 -14.85 -0.04 -0.73
CA GLN A 396 -14.75 -1.50 -0.92
C GLN A 396 -14.80 -1.94 -2.37
N GLN A 397 -14.12 -1.17 -3.22
CA GLN A 397 -14.06 -1.43 -4.65
C GLN A 397 -15.41 -1.44 -5.36
N LYS A 398 -16.41 -0.84 -4.73
CA LYS A 398 -17.72 -0.70 -5.35
C LYS A 398 -17.69 0.75 -5.83
N HIS A 399 -17.23 1.63 -4.96
CA HIS A 399 -17.08 3.05 -5.29
C HIS A 399 -15.64 3.19 -5.78
N LEU A 400 -15.43 4.02 -6.78
CA LEU A 400 -14.08 4.25 -7.29
C LEU A 400 -13.32 5.14 -6.31
N CYS A 401 -12.06 4.79 -6.02
CA CYS A 401 -11.26 5.61 -5.13
C CYS A 401 -9.77 5.36 -5.35
N PHE A 402 -9.17 6.21 -6.20
CA PHE A 402 -7.75 6.17 -6.52
C PHE A 402 -7.07 6.77 -5.29
N LEU A 403 -6.39 5.92 -4.53
CA LEU A 403 -5.75 6.32 -3.28
C LEU A 403 -4.39 7.01 -3.36
N ILE A 404 -3.81 7.10 -4.55
CA ILE A 404 -2.49 7.71 -4.70
C ILE A 404 -2.44 9.18 -4.24
N PRO A 405 -3.45 9.99 -4.60
CA PRO A 405 -3.40 11.38 -4.15
C PRO A 405 -3.32 11.48 -2.63
N GLN A 406 -4.09 10.66 -1.93
CA GLN A 406 -4.08 10.69 -0.47
C GLN A 406 -2.72 10.26 0.08
N TRP A 407 -2.16 9.20 -0.47
CA TRP A 407 -0.88 8.73 0.01
C TRP A 407 0.21 9.76 -0.22
N LYS A 408 0.09 10.56 -1.29
CA LYS A 408 1.09 11.58 -1.52
C LYS A 408 0.97 12.68 -0.47
N GLU A 409 -0.25 13.01 -0.05
CA GLU A 409 -0.46 14.03 0.98
C GLU A 409 0.20 13.57 2.30
N VAL A 410 0.17 12.27 2.53
CA VAL A 410 0.76 11.71 3.74
C VAL A 410 2.29 11.74 3.62
N LEU A 411 2.79 11.22 2.51
CA LEU A 411 4.24 11.17 2.25
C LEU A 411 4.89 12.56 2.23
N ASP A 412 4.16 13.54 1.70
CA ASP A 412 4.70 14.90 1.62
C ASP A 412 4.42 15.76 2.86
N PHE A 413 3.79 15.17 3.87
CA PHE A 413 3.50 15.89 5.10
C PHE A 413 4.83 16.18 5.79
N ASP A 414 5.11 17.45 6.07
CA ASP A 414 6.36 17.81 6.73
C ASP A 414 6.16 17.72 8.25
N THR A 415 6.87 16.79 8.90
CA THR A 415 6.76 16.63 10.33
C THR A 415 7.60 17.66 11.08
N TYR A 416 8.51 18.31 10.35
CA TYR A 416 9.41 19.29 10.94
C TYR A 416 10.21 18.68 12.08
N ALA A 417 10.38 17.35 12.04
CA ALA A 417 11.13 16.65 13.08
C ALA A 417 12.54 17.24 13.23
N LYS A 418 13.15 17.56 12.09
CA LYS A 418 14.47 18.17 12.09
C LYS A 418 14.37 19.49 11.34
N GLY A 419 13.28 20.20 11.60
CA GLY A 419 13.05 21.47 10.93
C GLY A 419 12.42 21.25 9.57
N LYS A 420 12.24 22.34 8.82
CA LYS A 420 11.65 22.30 7.50
C LYS A 420 12.34 21.25 6.64
N GLY A 421 11.55 20.44 5.94
CA GLY A 421 12.12 19.41 5.09
C GLY A 421 12.21 18.05 5.75
N SER A 422 11.32 17.80 6.71
CA SER A 422 11.30 16.52 7.41
C SER A 422 10.01 15.77 7.07
N GLU A 423 9.73 15.63 5.78
CA GLU A 423 8.53 14.95 5.32
C GLU A 423 8.50 13.47 5.69
N VAL A 424 7.30 12.94 5.85
CA VAL A 424 7.12 11.53 6.19
C VAL A 424 7.94 10.61 5.30
N LYS A 425 7.98 10.92 4.00
CA LYS A 425 8.74 10.09 3.06
C LYS A 425 10.22 10.01 3.41
N LYS A 426 10.76 11.06 4.00
CA LYS A 426 12.17 11.08 4.38
C LYS A 426 12.35 10.28 5.66
N VAL A 427 11.27 10.15 6.42
CA VAL A 427 11.31 9.39 7.65
C VAL A 427 11.33 7.90 7.32
N ILE A 428 10.38 7.47 6.49
CA ILE A 428 10.29 6.06 6.14
C ILE A 428 11.29 5.56 5.10
N ASP A 429 11.90 6.46 4.33
CA ASP A 429 12.89 5.97 3.37
C ASP A 429 14.23 5.89 4.08
N GLY A 430 14.22 6.20 5.37
CA GLY A 430 15.42 6.12 6.20
C GLY A 430 16.45 7.23 6.11
N SER A 431 16.29 8.16 5.18
CA SER A 431 17.28 9.23 5.03
C SER A 431 17.35 10.22 6.19
N LEU A 432 16.20 10.56 6.76
CA LEU A 432 16.17 11.53 7.85
C LEU A 432 16.90 11.07 9.12
N PHE A 433 16.69 9.82 9.51
CA PHE A 433 17.32 9.30 10.73
C PHE A 433 18.31 8.17 10.48
N ASP A 434 18.65 7.95 9.21
N ASP A 434 18.66 7.95 9.23
CA ASP A 434 19.60 6.89 8.86
CA ASP A 434 19.59 6.89 8.86
C ASP A 434 19.12 5.55 9.41
C ASP A 434 19.13 5.54 9.41
N TYR A 435 17.90 5.16 9.04
CA TYR A 435 17.32 3.89 9.48
C TYR A 435 17.97 2.75 8.70
N ARG A 436 18.37 1.71 9.40
CA ARG A 436 18.99 0.55 8.76
C ARG A 436 17.96 -0.13 7.85
N TYR A 437 16.76 -0.34 8.38
CA TYR A 437 15.68 -0.98 7.63
C TYR A 437 14.41 -0.14 7.77
N SER A 438 13.81 0.23 6.64
CA SER A 438 12.58 1.02 6.68
C SER A 438 11.91 1.03 5.32
N GLY A 439 10.69 1.54 5.26
CA GLY A 439 10.02 1.59 3.98
C GLY A 439 8.52 1.78 4.06
N ILE A 440 7.82 1.11 3.17
CA ILE A 440 6.38 1.25 3.10
C ILE A 440 5.73 -0.10 2.77
N ALA A 441 4.49 -0.28 3.23
CA ALA A 441 3.76 -1.52 2.98
C ALA A 441 2.31 -1.19 2.62
N GLY A 442 1.69 -2.06 1.83
CA GLY A 442 0.31 -1.85 1.44
C GLY A 442 -0.49 -3.13 1.62
N VAL A 443 -1.68 -3.02 2.21
CA VAL A 443 -2.53 -4.19 2.40
C VAL A 443 -3.16 -4.52 1.04
N SER A 444 -2.83 -5.70 0.52
CA SER A 444 -3.30 -6.15 -0.78
C SER A 444 -4.78 -5.98 -1.08
N ASN A 445 -5.08 -5.53 -2.30
CA ASN A 445 -6.46 -5.34 -2.72
C ASN A 445 -6.85 -6.38 -3.75
N ILE A 446 -6.08 -7.47 -3.85
CA ILE A 446 -6.41 -8.49 -4.84
C ILE A 446 -7.14 -9.71 -4.31
N GLY A 447 -7.69 -10.48 -5.25
CA GLY A 447 -8.44 -11.67 -4.94
C GLY A 447 -8.58 -12.50 -6.20
N SER A 448 -9.33 -13.59 -6.12
CA SER A 448 -9.53 -14.49 -7.25
C SER A 448 -10.33 -13.94 -8.44
N ASP A 449 -11.00 -12.80 -8.25
CA ASP A 449 -11.77 -12.22 -9.35
C ASP A 449 -10.91 -12.12 -10.61
N PRO A 450 -11.50 -12.35 -11.79
CA PRO A 450 -10.75 -12.27 -13.05
C PRO A 450 -9.96 -10.97 -13.22
N ASN A 451 -10.51 -9.86 -12.74
CA ASN A 451 -9.82 -8.59 -12.86
C ASN A 451 -8.92 -8.28 -11.65
N TRP A 452 -8.71 -9.29 -10.80
CA TRP A 452 -7.83 -9.18 -9.64
C TRP A 452 -8.26 -8.28 -8.48
N THR A 453 -8.79 -7.10 -8.79
CA THR A 453 -9.14 -6.14 -7.75
C THR A 453 -10.62 -5.83 -7.54
N GLY A 454 -11.51 -6.62 -8.13
CA GLY A 454 -12.93 -6.38 -7.97
C GLY A 454 -13.40 -5.30 -8.92
N HIS A 455 -12.90 -4.09 -8.70
CA HIS A 455 -13.21 -2.96 -9.58
C HIS A 455 -12.00 -2.90 -10.51
N THR A 456 -12.25 -2.91 -11.81
CA THR A 456 -11.18 -2.87 -12.80
C THR A 456 -10.22 -1.71 -12.55
N LEU A 457 -10.79 -0.54 -12.26
CA LEU A 457 -9.97 0.64 -12.03
C LEU A 457 -9.18 0.61 -10.73
N ALA A 458 -9.49 -0.33 -9.84
CA ALA A 458 -8.76 -0.44 -8.58
C ALA A 458 -7.39 -1.05 -8.86
N GLN A 459 -7.18 -1.51 -10.09
CA GLN A 459 -5.88 -2.05 -10.46
C GLN A 459 -4.88 -0.89 -10.37
N ALA A 460 -5.38 0.33 -10.53
CA ALA A 460 -4.53 1.51 -10.47
C ALA A 460 -3.96 1.73 -9.07
N ASN A 461 -4.68 1.26 -8.04
CA ASN A 461 -4.20 1.45 -6.67
C ASN A 461 -3.01 0.54 -6.36
N LEU A 462 -3.02 -0.67 -6.91
CA LEU A 462 -1.93 -1.60 -6.69
C LEU A 462 -0.71 -1.10 -7.46
N TYR A 463 -0.94 -0.74 -8.72
CA TYR A 463 0.12 -0.21 -9.57
C TYR A 463 0.68 1.04 -8.93
N GLY A 464 -0.22 1.94 -8.56
CA GLY A 464 0.18 3.20 -7.96
C GLY A 464 0.94 3.05 -6.65
N PHE A 465 0.56 2.06 -5.85
CA PHE A 465 1.26 1.84 -4.59
C PHE A 465 2.72 1.51 -4.90
N GLY A 466 2.92 0.61 -5.85
CA GLY A 466 4.28 0.23 -6.24
C GLY A 466 5.08 1.42 -6.73
N ARG A 467 4.48 2.24 -7.58
CA ARG A 467 5.18 3.40 -8.11
C ARG A 467 5.62 4.34 -6.97
N LEU A 468 4.72 4.65 -6.05
CA LEU A 468 5.09 5.53 -4.94
C LEU A 468 6.12 4.88 -4.02
N ALA A 469 5.98 3.58 -3.78
CA ALA A 469 6.93 2.88 -2.92
C ALA A 469 8.32 3.01 -3.52
N TRP A 470 8.40 2.96 -4.85
CA TRP A 470 9.69 3.10 -5.54
C TRP A 470 10.22 4.52 -5.46
N ASN A 471 9.34 5.49 -5.71
CA ASN A 471 9.72 6.89 -5.70
C ASN A 471 8.53 7.77 -5.32
N PRO A 472 8.41 8.12 -4.03
CA PRO A 472 7.32 8.95 -3.54
C PRO A 472 7.21 10.31 -4.23
N ASP A 473 8.27 10.73 -4.93
CA ASP A 473 8.24 12.01 -5.61
C ASP A 473 7.47 12.00 -6.92
N LEU A 474 7.06 10.82 -7.39
CA LEU A 474 6.30 10.73 -8.63
C LEU A 474 4.95 11.42 -8.39
N SER A 475 4.47 12.15 -9.38
CA SER A 475 3.19 12.84 -9.24
C SER A 475 2.03 11.88 -9.42
N ALA A 476 0.88 12.21 -8.87
CA ALA A 476 -0.29 11.36 -9.02
C ALA A 476 -0.68 11.37 -10.50
N GLU A 477 -0.52 12.52 -11.14
CA GLU A 477 -0.84 12.68 -12.55
C GLU A 477 -0.06 11.75 -13.47
N GLU A 478 1.25 11.66 -13.27
CA GLU A 478 2.04 10.80 -14.13
C GLU A 478 1.79 9.33 -13.84
N ILE A 479 1.54 9.00 -12.57
CA ILE A 479 1.27 7.61 -12.21
C ILE A 479 -0.04 7.18 -12.86
N ALA A 480 -1.04 8.04 -12.78
CA ALA A 480 -2.34 7.74 -13.38
C ALA A 480 -2.18 7.61 -14.91
N ASN A 481 -1.40 8.51 -15.50
CA ASN A 481 -1.18 8.49 -16.93
C ASN A 481 -0.53 7.17 -17.37
N GLU A 482 0.51 6.76 -16.64
CA GLU A 482 1.20 5.51 -16.95
C GLU A 482 0.24 4.33 -16.93
N TRP A 483 -0.52 4.23 -15.84
CA TRP A 483 -1.46 3.12 -15.68
C TRP A 483 -2.55 3.11 -16.74
N VAL A 484 -3.14 4.26 -17.01
CA VAL A 484 -4.20 4.33 -18.01
C VAL A 484 -3.68 3.92 -19.40
N VAL A 485 -2.56 4.50 -19.81
CA VAL A 485 -1.98 4.18 -21.11
C VAL A 485 -1.66 2.69 -21.26
N GLN A 486 -1.00 2.12 -20.26
CA GLN A 486 -0.65 0.70 -20.33
C GLN A 486 -1.85 -0.23 -20.27
N THR A 487 -2.88 0.18 -19.54
CA THR A 487 -4.08 -0.62 -19.36
C THR A 487 -5.19 -0.42 -20.40
N PHE A 488 -5.36 0.82 -20.87
CA PHE A 488 -6.41 1.11 -21.83
C PHE A 488 -5.96 1.74 -23.15
N GLY A 489 -4.66 1.98 -23.32
CA GLY A 489 -4.19 2.56 -24.56
C GLY A 489 -3.90 4.04 -24.52
N ASP A 490 -3.48 4.59 -25.67
CA ASP A 490 -3.12 6.01 -25.75
C ASP A 490 -4.14 6.93 -26.40
N ASP A 491 -5.37 6.46 -26.62
CA ASP A 491 -6.37 7.33 -27.22
C ASP A 491 -6.49 8.55 -26.31
N SER A 492 -6.28 9.73 -26.88
CA SER A 492 -6.34 10.99 -26.14
C SER A 492 -7.54 11.14 -25.20
N GLN A 493 -8.73 10.78 -25.69
CA GLN A 493 -9.93 10.89 -24.87
C GLN A 493 -9.96 9.90 -23.73
N VAL A 494 -9.57 8.66 -24.02
CA VAL A 494 -9.53 7.61 -23.01
C VAL A 494 -8.60 8.01 -21.87
N VAL A 495 -7.39 8.41 -22.23
CA VAL A 495 -6.38 8.82 -21.25
C VAL A 495 -6.83 9.98 -20.38
N GLU A 496 -7.28 11.06 -21.03
CA GLU A 496 -7.72 12.25 -20.31
C GLU A 496 -8.93 11.96 -19.41
N THR A 497 -9.87 11.16 -19.90
CA THR A 497 -11.07 10.83 -19.15
C THR A 497 -10.84 9.91 -17.95
N ILE A 498 -10.19 8.77 -18.17
CA ILE A 498 -9.94 7.85 -17.06
C ILE A 498 -9.00 8.49 -16.03
N SER A 499 -8.06 9.30 -16.49
CA SER A 499 -7.14 9.96 -15.57
C SER A 499 -7.93 10.94 -14.70
N TRP A 500 -8.81 11.71 -15.32
CA TRP A 500 -9.62 12.66 -14.57
C TRP A 500 -10.45 11.90 -13.54
N MET A 501 -11.02 10.76 -13.95
CA MET A 501 -11.83 9.94 -13.04
C MET A 501 -11.01 9.49 -11.83
N LEU A 502 -9.84 8.95 -12.07
CA LEU A 502 -8.97 8.49 -10.98
C LEU A 502 -8.59 9.63 -10.05
N LEU A 503 -8.05 10.71 -10.62
CA LEU A 503 -7.62 11.84 -9.84
C LEU A 503 -8.70 12.55 -9.01
N SER A 504 -9.95 12.46 -9.44
N SER A 504 -9.96 12.47 -9.43
CA SER A 504 -11.06 13.12 -8.73
CA SER A 504 -11.02 13.14 -8.68
C SER A 504 -11.80 12.20 -7.77
C SER A 504 -11.81 12.19 -7.77
N SER A 505 -11.69 10.89 -7.99
CA SER A 505 -12.41 9.90 -7.19
C SER A 505 -12.37 9.96 -5.66
N TRP A 506 -11.18 10.10 -5.09
CA TRP A 506 -11.05 10.14 -3.65
C TRP A 506 -11.86 11.28 -3.05
N ARG A 507 -11.65 12.49 -3.57
CA ARG A 507 -12.36 13.67 -3.07
C ARG A 507 -13.87 13.49 -3.22
N ILE A 508 -14.29 12.89 -4.32
CA ILE A 508 -15.70 12.66 -4.57
C ILE A 508 -16.30 11.73 -3.49
N TYR A 509 -15.62 10.62 -3.23
CA TYR A 509 -16.08 9.67 -2.22
C TYR A 509 -16.10 10.32 -0.84
N GLU A 510 -15.04 11.08 -0.52
CA GLU A 510 -15.00 11.75 0.78
C GLU A 510 -16.15 12.74 0.87
N ASN A 511 -16.47 13.42 -0.24
CA ASN A 511 -17.55 14.41 -0.23
C ASN A 511 -18.87 13.86 0.31
N TYR A 512 -19.24 12.64 -0.05
CA TYR A 512 -20.50 12.10 0.46
C TYR A 512 -20.38 11.12 1.62
N THR A 513 -19.21 11.05 2.24
CA THR A 513 -19.06 10.17 3.40
C THR A 513 -18.81 11.03 4.64
N SER A 514 -17.89 10.63 5.51
CA SER A 514 -17.63 11.40 6.73
C SER A 514 -17.08 12.80 6.46
N PRO A 515 -17.63 13.82 7.13
CA PRO A 515 -17.20 15.21 6.96
C PRO A 515 -16.00 15.74 7.73
N LEU A 516 -15.26 16.61 7.06
CA LEU A 516 -14.12 17.31 7.64
C LEU A 516 -13.16 16.49 8.49
N GLY A 517 -12.80 15.31 8.00
CA GLY A 517 -11.87 14.46 8.69
C GLY A 517 -12.28 13.81 10.00
N VAL A 518 -13.56 13.85 10.35
CA VAL A 518 -13.97 13.23 11.61
C VAL A 518 -13.97 11.71 11.47
N GLY A 519 -14.08 11.26 10.22
CA GLY A 519 -14.07 9.83 9.92
C GLY A 519 -15.27 9.01 10.32
N TRP A 520 -15.17 7.71 10.07
CA TRP A 520 -16.20 6.75 10.42
C TRP A 520 -17.60 6.99 9.85
N MET A 521 -18.61 6.96 10.70
CA MET A 521 -20.00 7.12 10.26
C MET A 521 -20.38 5.99 9.30
N VAL A 522 -19.79 4.81 9.52
CA VAL A 522 -20.05 3.64 8.70
C VAL A 522 -20.77 2.55 9.49
N ASN A 523 -21.41 1.64 8.76
CA ASN A 523 -22.11 0.52 9.37
C ASN A 523 -21.09 -0.31 10.14
N PRO A 524 -21.44 -0.78 11.35
CA PRO A 524 -20.52 -1.59 12.15
C PRO A 524 -20.27 -2.97 11.52
N GLY A 525 -19.15 -3.59 11.87
CA GLY A 525 -18.86 -4.90 11.34
C GLY A 525 -18.23 -4.90 9.95
N HIS A 526 -19.05 -4.86 8.91
CA HIS A 526 -18.54 -4.88 7.54
C HIS A 526 -18.03 -3.51 7.06
N HIS A 527 -18.35 -2.46 7.81
CA HIS A 527 -17.88 -1.10 7.52
C HIS A 527 -18.27 -0.47 6.19
N TYR A 528 -19.28 -1.02 5.54
CA TYR A 528 -19.72 -0.49 4.25
C TYR A 528 -21.04 0.28 4.37
N GLY A 529 -21.05 1.51 3.86
CA GLY A 529 -22.27 2.29 3.90
C GLY A 529 -22.43 3.19 5.10
N PRO A 530 -23.34 4.16 5.00
CA PRO A 530 -23.65 5.15 6.04
C PRO A 530 -24.40 4.65 7.27
N ASN A 531 -23.93 5.11 8.42
CA ASN A 531 -24.52 4.81 9.70
C ASN A 531 -23.78 5.78 10.63
N VAL A 532 -24.25 7.02 10.64
CA VAL A 532 -23.62 8.06 11.43
C VAL A 532 -23.28 7.67 12.86
N ASP A 533 -24.22 7.03 13.57
CA ASP A 533 -23.97 6.63 14.95
C ASP A 533 -23.52 5.17 15.07
N GLY A 534 -23.18 4.56 13.95
CA GLY A 534 -22.73 3.17 13.95
C GLY A 534 -21.85 2.76 15.12
N TYR A 535 -20.79 3.52 15.37
CA TYR A 535 -19.86 3.23 16.47
C TYR A 535 -19.83 4.36 17.49
N GLU A 536 -20.76 5.30 17.39
CA GLU A 536 -20.80 6.46 18.27
C GLU A 536 -20.86 6.15 19.76
N TYR A 537 -21.41 4.99 20.12
CA TYR A 537 -21.50 4.60 21.52
C TYR A 537 -20.81 3.26 21.79
N SER A 538 -19.83 2.92 20.96
CA SER A 538 -19.10 1.67 21.12
C SER A 538 -17.90 1.91 22.02
N HIS A 539 -17.11 0.86 22.23
CA HIS A 539 -15.92 0.97 23.05
C HIS A 539 -14.68 1.09 22.17
N TRP A 540 -14.87 1.41 20.90
CA TRP A 540 -13.75 1.54 19.95
C TRP A 540 -13.06 2.89 19.89
N GLY A 541 -13.55 3.87 20.66
CA GLY A 541 -12.93 5.18 20.68
C GLY A 541 -13.03 5.94 19.36
N THR A 542 -14.05 5.63 18.57
CA THR A 542 -14.26 6.28 17.28
C THR A 542 -15.55 7.10 17.37
N TYR A 543 -15.45 8.31 17.91
CA TYR A 543 -16.60 9.16 18.12
C TYR A 543 -16.55 10.53 17.44
N HIS A 544 -17.72 11.05 17.09
CA HIS A 544 -17.81 12.37 16.47
C HIS A 544 -18.47 13.36 17.42
N TYR A 545 -19.16 12.85 18.44
CA TYR A 545 -19.82 13.68 19.44
C TYR A 545 -20.85 14.67 18.89
N ALA A 546 -21.49 14.32 17.79
CA ALA A 546 -22.49 15.21 17.24
C ALA A 546 -23.69 15.34 18.19
N ASP A 547 -24.12 16.57 18.44
CA ASP A 547 -25.29 16.79 19.26
C ASP A 547 -26.13 17.86 18.56
N ARG A 548 -27.16 18.37 19.22
CA ARG A 548 -28.03 19.34 18.57
C ARG A 548 -27.39 20.70 18.27
N ASP A 549 -26.24 20.98 18.88
CA ASP A 549 -25.56 22.27 18.68
C ASP A 549 -24.30 22.22 17.81
N GLY A 550 -23.55 21.12 17.87
CA GLY A 550 -22.34 21.05 17.10
C GLY A 550 -21.79 19.65 16.95
N ILE A 551 -20.53 19.55 16.53
CA ILE A 551 -19.91 18.26 16.29
C ILE A 551 -18.38 18.37 16.30
N GLY A 552 -17.72 17.23 16.45
CA GLY A 552 -16.27 17.21 16.44
C GLY A 552 -15.63 16.74 17.71
N VAL A 553 -14.36 16.35 17.61
CA VAL A 553 -13.59 15.89 18.75
C VAL A 553 -12.61 16.97 19.17
N ASP A 554 -12.68 17.39 20.44
CA ASP A 554 -11.77 18.40 20.93
C ASP A 554 -10.45 17.71 21.26
N ARG A 555 -9.48 17.81 20.35
CA ARG A 555 -8.18 17.18 20.58
C ARG A 555 -7.09 18.21 20.90
N THR A 556 -7.53 19.41 21.28
CA THR A 556 -6.62 20.50 21.61
C THR A 556 -6.02 20.32 23.00
N VAL A 557 -4.89 20.98 23.23
CA VAL A 557 -4.24 20.92 24.53
C VAL A 557 -5.00 21.84 25.47
N ALA A 558 -5.41 23.00 24.94
CA ALA A 558 -6.14 23.99 25.73
C ALA A 558 -7.37 23.44 26.45
N THR A 559 -8.24 22.73 25.72
CA THR A 559 -9.45 22.20 26.34
C THR A 559 -9.77 20.75 26.05
N GLY A 560 -8.99 20.12 25.16
CA GLY A 560 -9.27 18.74 24.80
C GLY A 560 -8.34 17.64 25.28
N THR A 561 -8.20 16.62 24.43
CA THR A 561 -7.37 15.47 24.77
C THR A 561 -5.87 15.75 24.73
N GLY A 562 -5.49 16.87 24.10
CA GLY A 562 -4.09 17.23 24.03
C GLY A 562 -3.31 16.48 22.95
N TYR A 563 -4.04 15.91 22.00
CA TYR A 563 -3.44 15.15 20.91
C TYR A 563 -2.54 16.02 20.01
N THR A 564 -2.90 17.29 19.82
CA THR A 564 -2.11 18.17 18.97
C THR A 564 -0.64 18.23 19.39
N ALA A 565 -0.38 18.11 20.69
CA ALA A 565 0.97 18.15 21.21
C ALA A 565 1.88 17.00 20.78
N GLN A 566 1.31 15.98 20.15
CA GLN A 566 2.11 14.85 19.70
C GLN A 566 2.89 15.21 18.43
N TYR A 567 2.45 16.26 17.76
CA TYR A 567 3.10 16.75 16.55
C TYR A 567 4.18 17.73 16.98
N PHE A 568 5.09 18.07 16.07
CA PHE A 568 6.12 19.04 16.41
C PHE A 568 5.44 20.41 16.44
N PRO A 569 6.02 21.38 17.13
CA PRO A 569 5.46 22.73 17.26
C PRO A 569 4.74 23.33 16.05
N GLU A 570 5.38 23.32 14.90
CA GLU A 570 4.76 23.91 13.71
C GLU A 570 3.38 23.36 13.39
N ASN A 571 3.25 22.03 13.38
CA ASN A 571 1.96 21.41 13.08
C ASN A 571 1.04 21.44 14.29
N ALA A 572 1.62 21.32 15.48
CA ALA A 572 0.84 21.34 16.71
C ALA A 572 0.02 22.63 16.79
N ALA A 573 0.70 23.75 16.52
CA ALA A 573 0.06 25.06 16.57
C ALA A 573 -1.02 25.23 15.50
N MET A 574 -0.75 24.76 14.29
CA MET A 574 -1.71 24.86 13.19
C MET A 574 -3.03 24.18 13.55
N TYR A 575 -2.94 22.95 14.09
CA TYR A 575 -4.13 22.20 14.46
C TYR A 575 -4.76 22.69 15.75
N GLU A 576 -3.93 23.15 16.68
CA GLU A 576 -4.38 23.63 17.98
C GLU A 576 -5.34 24.81 17.86
N SER A 577 -5.02 25.74 16.96
CA SER A 577 -5.85 26.92 16.77
C SER A 577 -7.07 26.67 15.90
N LEU A 578 -8.22 27.15 16.39
CA LEU A 578 -9.47 26.98 15.66
C LEU A 578 -9.46 27.73 14.34
N ASP A 579 -8.76 28.85 14.26
CA ASP A 579 -8.73 29.60 13.02
C ASP A 579 -7.68 29.15 12.00
N THR A 580 -6.66 28.43 12.43
CA THR A 580 -5.65 27.99 11.49
C THR A 580 -5.81 26.52 11.10
N CYS A 581 -6.53 25.76 11.92
CA CYS A 581 -6.72 24.35 11.61
C CYS A 581 -7.36 24.20 10.23
N PRO A 582 -6.76 23.38 9.36
CA PRO A 582 -7.31 23.19 8.00
C PRO A 582 -8.75 22.68 8.07
N ASP A 583 -9.60 23.18 7.19
CA ASP A 583 -11.00 22.76 7.15
C ASP A 583 -11.14 21.24 7.04
N GLU A 584 -10.38 20.65 6.11
CA GLU A 584 -10.45 19.20 5.86
C GLU A 584 -10.21 18.30 7.07
N LEU A 585 -9.61 18.83 8.13
CA LEU A 585 -9.35 18.04 9.34
C LEU A 585 -9.95 18.69 10.59
N LEU A 586 -10.71 19.76 10.40
CA LEU A 586 -11.31 20.48 11.52
C LEU A 586 -12.02 19.64 12.57
N LEU A 587 -12.93 18.78 12.13
CA LEU A 587 -13.69 17.98 13.09
C LEU A 587 -12.89 16.89 13.79
N PHE A 588 -11.69 16.63 13.31
CA PHE A 588 -10.85 15.62 13.96
C PHE A 588 -10.14 16.28 15.15
N PHE A 589 -9.94 17.59 15.04
CA PHE A 589 -9.23 18.35 16.07
C PHE A 589 -10.04 19.29 16.94
N HIS A 590 -11.20 19.71 16.46
CA HIS A 590 -12.04 20.63 17.22
C HIS A 590 -13.51 20.23 17.26
N HIS A 591 -14.17 20.54 18.36
CA HIS A 591 -15.60 20.30 18.49
C HIS A 591 -16.14 21.71 18.28
N VAL A 592 -16.94 21.92 17.25
CA VAL A 592 -17.46 23.25 16.97
C VAL A 592 -18.95 23.28 16.72
N PRO A 593 -19.56 24.49 16.83
CA PRO A 593 -21.00 24.64 16.60
C PRO A 593 -21.24 24.41 15.11
N TYR A 594 -22.45 23.99 14.76
CA TYR A 594 -22.78 23.77 13.35
C TYR A 594 -22.66 25.06 12.56
N THR A 595 -22.81 26.18 13.26
CA THR A 595 -22.73 27.50 12.62
C THR A 595 -21.30 28.03 12.45
N HIS A 596 -20.31 27.29 12.94
CA HIS A 596 -18.91 27.71 12.81
C HIS A 596 -18.59 27.88 11.33
N ARG A 597 -17.97 29.02 10.98
CA ARG A 597 -17.67 29.25 9.57
C ARG A 597 -16.26 28.79 9.21
N LEU A 598 -16.19 27.96 8.17
CA LEU A 598 -14.93 27.42 7.66
C LEU A 598 -14.17 28.44 6.83
N HIS A 599 -12.94 28.09 6.47
CA HIS A 599 -12.10 28.97 5.65
C HIS A 599 -12.78 29.13 4.28
N SER A 600 -13.58 28.14 3.91
CA SER A 600 -14.29 28.16 2.63
C SER A 600 -15.45 29.15 2.65
N GLY A 601 -15.80 29.62 3.84
CA GLY A 601 -16.91 30.53 3.98
C GLY A 601 -18.19 29.80 4.35
N GLU A 602 -18.18 28.48 4.22
CA GLU A 602 -19.35 27.65 4.54
C GLU A 602 -19.43 27.41 6.04
N THR A 603 -20.64 27.28 6.56
CA THR A 603 -20.80 26.95 7.97
C THR A 603 -20.52 25.44 7.97
N VAL A 604 -20.19 24.86 9.12
CA VAL A 604 -19.92 23.43 9.17
C VAL A 604 -21.13 22.62 8.67
N ILE A 605 -22.33 22.98 9.11
CA ILE A 605 -23.51 22.25 8.68
C ILE A 605 -23.78 22.38 7.18
N GLN A 606 -23.64 23.59 6.64
CA GLN A 606 -23.90 23.77 5.20
C GLN A 606 -22.86 23.05 4.37
N HIS A 607 -21.63 22.98 4.88
CA HIS A 607 -20.56 22.27 4.18
C HIS A 607 -20.98 20.81 4.05
N ILE A 608 -21.52 20.26 5.14
CA ILE A 608 -21.97 18.87 5.14
C ILE A 608 -23.00 18.67 4.02
N TYR A 609 -24.02 19.53 3.98
CA TYR A 609 -25.03 19.40 2.93
C TYR A 609 -24.42 19.55 1.55
N ASN A 610 -23.62 20.60 1.38
CA ASN A 610 -22.98 20.86 0.09
C ASN A 610 -22.18 19.69 -0.47
N THR A 611 -21.24 19.17 0.30
CA THR A 611 -20.43 18.07 -0.24
C THR A 611 -21.21 16.80 -0.47
N HIS A 612 -22.27 16.59 0.31
CA HIS A 612 -23.06 15.38 0.12
C HIS A 612 -23.97 15.46 -1.08
N PHE A 613 -24.62 16.59 -1.30
CA PHE A 613 -25.47 16.72 -2.48
C PHE A 613 -24.57 16.72 -3.71
N GLU A 614 -23.54 17.57 -3.67
CA GLU A 614 -22.63 17.70 -4.79
C GLU A 614 -21.78 16.47 -5.07
N GLY A 615 -21.45 15.71 -4.03
CA GLY A 615 -20.67 14.50 -4.23
C GLY A 615 -21.40 13.51 -5.11
N VAL A 616 -22.70 13.38 -4.91
CA VAL A 616 -23.50 12.47 -5.71
C VAL A 616 -23.50 12.92 -7.17
N GLU A 617 -23.62 14.23 -7.39
CA GLU A 617 -23.64 14.75 -8.75
C GLU A 617 -22.29 14.51 -9.41
N GLN A 618 -21.22 14.54 -8.62
CA GLN A 618 -19.88 14.29 -9.14
C GLN A 618 -19.75 12.81 -9.49
N ALA A 619 -20.37 11.95 -8.70
CA ALA A 619 -20.34 10.51 -8.97
C ALA A 619 -21.08 10.25 -10.29
N LYS A 620 -22.21 10.93 -10.48
CA LYS A 620 -22.97 10.77 -11.71
C LYS A 620 -22.10 11.18 -12.90
N GLN A 621 -21.27 12.21 -12.69
CA GLN A 621 -20.38 12.68 -13.73
C GLN A 621 -19.34 11.60 -14.08
N LEU A 622 -18.84 10.91 -13.07
CA LEU A 622 -17.87 9.85 -13.31
C LEU A 622 -18.49 8.85 -14.29
N ARG A 623 -19.71 8.44 -14.01
CA ARG A 623 -20.40 7.48 -14.88
C ARG A 623 -20.62 8.05 -16.28
N LYS A 624 -21.08 9.29 -16.34
CA LYS A 624 -21.32 9.93 -17.63
C LYS A 624 -20.05 9.94 -18.48
N ARG A 625 -18.94 10.38 -17.89
CA ARG A 625 -17.68 10.44 -18.61
C ARG A 625 -17.22 9.06 -19.07
N TRP A 626 -17.53 8.03 -18.29
CA TRP A 626 -17.15 6.67 -18.65
C TRP A 626 -17.99 6.18 -19.81
N GLU A 627 -19.29 6.48 -19.77
CA GLU A 627 -20.20 6.06 -20.84
C GLU A 627 -19.77 6.65 -22.19
N GLN A 628 -19.21 7.84 -22.16
CA GLN A 628 -18.75 8.50 -23.38
C GLN A 628 -17.56 7.79 -24.04
N LEU A 629 -16.99 6.83 -23.33
CA LEU A 629 -15.85 6.09 -23.87
C LEU A 629 -16.28 4.77 -24.50
N LYS A 630 -17.59 4.48 -24.49
CA LYS A 630 -18.09 3.25 -25.08
C LYS A 630 -17.60 3.17 -26.52
N GLY A 631 -17.08 2.00 -26.91
CA GLY A 631 -16.56 1.84 -28.26
C GLY A 631 -15.05 2.00 -28.32
N LYS A 632 -14.49 2.66 -27.31
CA LYS A 632 -13.05 2.86 -27.23
C LYS A 632 -12.40 1.97 -26.19
N ILE A 633 -13.21 1.12 -25.57
CA ILE A 633 -12.75 0.17 -24.56
C ILE A 633 -13.47 -1.12 -24.89
N ASP A 634 -12.83 -2.26 -24.66
CA ASP A 634 -13.49 -3.55 -24.95
C ASP A 634 -14.77 -3.67 -24.14
N GLU A 635 -15.79 -4.30 -24.74
CA GLU A 635 -17.09 -4.45 -24.09
C GLU A 635 -17.06 -5.03 -22.69
N LYS A 636 -16.27 -6.08 -22.47
CA LYS A 636 -16.20 -6.70 -21.15
C LYS A 636 -15.81 -5.72 -20.05
N ARG A 637 -14.65 -5.06 -20.20
CA ARG A 637 -14.19 -4.12 -19.19
C ARG A 637 -15.06 -2.86 -19.14
N TYR A 638 -15.61 -2.46 -20.28
CA TYR A 638 -16.48 -1.30 -20.30
C TYR A 638 -17.69 -1.54 -19.41
N HIS A 639 -18.31 -2.71 -19.55
CA HIS A 639 -19.48 -3.05 -18.76
C HIS A 639 -19.13 -3.38 -17.30
N ASP A 640 -17.97 -3.99 -17.09
CA ASP A 640 -17.54 -4.32 -15.73
C ASP A 640 -17.48 -3.04 -14.89
N VAL A 641 -16.88 -2.01 -15.47
CA VAL A 641 -16.73 -0.73 -14.80
C VAL A 641 -18.05 0.04 -14.71
N LEU A 642 -18.84 0.01 -15.79
CA LEU A 642 -20.12 0.72 -15.78
C LEU A 642 -21.02 0.16 -14.68
N GLU A 643 -21.04 -1.17 -14.54
CA GLU A 643 -21.86 -1.80 -13.51
C GLU A 643 -21.48 -1.26 -12.13
N ARG A 644 -20.19 -1.14 -11.88
CA ARG A 644 -19.70 -0.64 -10.60
C ARG A 644 -20.04 0.84 -10.41
N LEU A 645 -19.88 1.63 -11.47
CA LEU A 645 -20.17 3.06 -11.38
C LEU A 645 -21.64 3.32 -11.07
N THR A 646 -22.51 2.45 -11.59
CA THR A 646 -23.94 2.58 -11.34
C THR A 646 -24.22 2.20 -9.88
N ILE A 647 -23.53 1.17 -9.41
CA ILE A 647 -23.68 0.75 -8.02
C ILE A 647 -23.22 1.92 -7.15
N GLN A 648 -22.12 2.56 -7.54
CA GLN A 648 -21.59 3.69 -6.78
C GLN A 648 -22.61 4.82 -6.70
N VAL A 649 -23.15 5.21 -7.85
CA VAL A 649 -24.13 6.28 -7.90
C VAL A 649 -25.31 6.01 -6.96
N GLU A 650 -25.86 4.80 -7.02
CA GLU A 650 -26.99 4.47 -6.18
C GLU A 650 -26.64 4.51 -4.69
N HIS A 651 -25.46 4.00 -4.34
CA HIS A 651 -25.05 4.00 -2.95
C HIS A 651 -24.74 5.42 -2.47
N ALA A 652 -24.15 6.22 -3.37
CA ALA A 652 -23.82 7.60 -3.02
C ALA A 652 -25.09 8.33 -2.62
N LYS A 653 -26.19 8.03 -3.30
CA LYS A 653 -27.47 8.67 -2.98
C LYS A 653 -27.86 8.31 -1.55
N GLU A 654 -27.56 7.09 -1.15
CA GLU A 654 -27.88 6.63 0.20
C GLU A 654 -26.99 7.34 1.22
N TRP A 655 -25.70 7.46 0.90
CA TRP A 655 -24.77 8.17 1.79
C TRP A 655 -25.24 9.61 1.95
N ARG A 656 -25.55 10.24 0.84
CA ARG A 656 -26.01 11.63 0.83
C ARG A 656 -27.22 11.86 1.73
N ASP A 657 -28.28 11.10 1.50
CA ASP A 657 -29.50 11.26 2.27
C ASP A 657 -29.42 10.86 3.73
N VAL A 658 -28.78 9.74 4.03
CA VAL A 658 -28.66 9.31 5.41
C VAL A 658 -27.93 10.39 6.22
N ILE A 659 -26.81 10.87 5.70
CA ILE A 659 -26.04 11.87 6.40
C ILE A 659 -26.77 13.21 6.49
N ASN A 660 -27.36 13.67 5.38
CA ASN A 660 -28.09 14.94 5.41
C ASN A 660 -29.27 14.89 6.37
N THR A 661 -30.04 13.82 6.33
CA THR A 661 -31.18 13.69 7.22
C THR A 661 -30.74 13.65 8.67
N TYR A 662 -29.70 12.88 8.97
CA TYR A 662 -29.21 12.79 10.34
C TYR A 662 -28.86 14.17 10.89
N PHE A 663 -28.14 14.95 10.10
CA PHE A 663 -27.73 16.26 10.57
C PHE A 663 -28.85 17.30 10.56
N TYR A 664 -29.85 17.10 9.71
CA TYR A 664 -30.97 18.02 9.71
C TYR A 664 -31.76 17.73 10.98
N ARG A 665 -31.98 16.44 11.25
CA ARG A 665 -32.73 16.02 12.42
C ARG A 665 -32.07 16.47 13.71
N LYS A 666 -30.75 16.58 13.70
CA LYS A 666 -30.03 16.99 14.89
C LYS A 666 -29.81 18.50 14.98
N SER A 667 -29.43 19.13 13.87
CA SER A 667 -29.16 20.56 13.88
C SER A 667 -30.41 21.42 13.71
N GLY A 668 -31.39 20.91 12.96
CA GLY A 668 -32.60 21.67 12.73
C GLY A 668 -32.37 22.77 11.70
N ILE A 669 -31.18 22.78 11.10
CA ILE A 669 -30.83 23.78 10.10
C ILE A 669 -31.02 23.26 8.69
N ASP A 670 -31.85 23.93 7.90
CA ASP A 670 -32.14 23.51 6.54
C ASP A 670 -31.03 23.78 5.54
N ASP A 671 -31.12 23.13 4.38
CA ASP A 671 -30.13 23.32 3.33
C ASP A 671 -30.29 24.70 2.71
N GLN A 672 -29.21 25.45 2.68
CA GLN A 672 -29.19 26.79 2.12
C GLN A 672 -29.85 26.86 0.74
N TYR A 673 -29.56 25.85 -0.08
CA TYR A 673 -30.07 25.81 -1.45
C TYR A 673 -31.39 25.07 -1.65
N GLY A 674 -32.04 24.69 -0.56
CA GLY A 674 -33.32 24.01 -0.63
C GLY A 674 -33.37 22.67 -1.35
N ARG A 675 -32.25 21.95 -1.38
CA ARG A 675 -32.24 20.65 -2.04
C ARG A 675 -32.99 19.65 -1.16
N LYS A 676 -33.38 18.52 -1.75
CA LYS A 676 -34.16 17.53 -1.03
C LYS A 676 -33.50 16.78 0.13
N ILE A 677 -33.97 17.08 1.33
CA ILE A 677 -33.50 16.40 2.54
C ILE A 677 -34.75 15.75 3.12
N TYR A 678 -34.74 14.42 3.23
CA TYR A 678 -35.90 13.75 3.79
C TYR A 678 -35.93 13.98 5.30
N ARG A 679 -37.08 14.50 5.77
CA ARG A 679 -37.30 14.81 7.19
C ARG A 679 -36.95 13.69 8.15
C1 GOL B . 10.70 1.65 -11.55
O1 GOL B . 11.39 2.47 -12.46
C2 GOL B . 11.06 0.16 -11.83
O2 GOL B . 10.75 -0.25 -13.15
C3 GOL B . 10.32 -0.80 -10.86
O3 GOL B . 8.92 -0.72 -10.98
C1 GOL C . -4.78 14.94 6.00
O1 GOL C . -5.74 15.89 5.55
C2 GOL C . -3.77 14.67 4.86
O2 GOL C . -4.27 13.72 3.93
C3 GOL C . -2.39 14.14 5.40
O3 GOL C . -1.63 15.18 6.00
C1 GOL D . 8.28 3.75 -30.32
O1 GOL D . 8.43 3.64 -31.71
C2 GOL D . 8.11 2.33 -29.72
O2 GOL D . 6.77 1.87 -29.74
C3 GOL D . 8.62 2.24 -28.26
O3 GOL D . 10.01 2.50 -28.17
C1 GOL E . 7.71 16.73 19.26
O1 GOL E . 7.10 17.96 19.58
C2 GOL E . 6.66 15.65 18.96
O2 GOL E . 5.94 15.38 20.17
C3 GOL E . 7.31 14.33 18.43
O3 GOL E . 7.99 13.67 19.54
C1 GOL F . -33.19 10.40 -8.20
C1 GOL F . -33.19 10.40 -8.20
O1 GOL F . -32.80 9.01 -8.23
O1 GOL F . -32.80 9.01 -8.23
C2 GOL F . -31.93 11.32 -8.08
C2 GOL F . -31.93 11.32 -8.08
O2 GOL F . -30.88 10.80 -8.85
O2 GOL F . -30.88 10.80 -8.85
C3 GOL F . -31.46 11.53 -6.64
C3 GOL F . -31.46 11.53 -6.64
O3 GOL F . -32.17 10.87 -5.63
O3 GOL F . -30.14 11.96 -6.46
#